data_9KCN
#
_entry.id   9KCN
#
_cell.length_a   1.00
_cell.length_b   1.00
_cell.length_c   1.00
_cell.angle_alpha   90.00
_cell.angle_beta   90.00
_cell.angle_gamma   90.00
#
_symmetry.space_group_name_H-M   'P 1'
#
loop_
_entity.id
_entity.type
_entity.pdbx_description
1 polymer Alpha-synuclein
2 polymer Alpha-synuclein
3 non-polymer (2~{R})-1-fluoranyl-3-[[2-[(~{E})-2-[5-[6-(methylamino)pyridin-3-yl]pyridin-2-yl]ethenyl]-1,3-benzothiazol-6-yl]oxy]propan-2-ol
4 water water
#
loop_
_entity_poly.entity_id
_entity_poly.type
_entity_poly.pdbx_seq_one_letter_code
_entity_poly.pdbx_strand_id
1 'polypeptide(L)' (UNK)(UNK)(UNK)(UNK)(UNK) A,C,E,G,I,K,S,U,W,Y,a,c
2 'polypeptide(L)'
;VLYVGSKTKEGVVHGVATVAEKTKEQVTNVGGAVVTGVTAVAQKTVEGAGSIAAATGFVKKDQLGKNEEGAPQEGILEDM
PVDPDNEAYEMPSEEGYQDYEPEA
;
L,M,N,P,Q,R,d,e,f,h,i,j
#
loop_
_chem_comp.id
_chem_comp.type
_chem_comp.name
_chem_comp.formula
A1EFL non-polymer (2~{R})-1-fluoranyl-3-[[2-[(~{E})-2-[5-[6-(methylamino)pyridin-3-yl]pyridin-2-yl]ethenyl]-1,3-benzothiazol-6-yl]oxy]propan-2-ol 'C23 H21 F N4 O2 S'
#
# COMPACT_ATOMS: atom_id res chain seq x y z
N UNK A 1 44.51 -1.13 19.26
CA UNK A 1 45.29 -1.37 20.47
C UNK A 1 44.85 -2.67 21.13
N UNK A 2 43.62 -2.69 21.64
CA UNK A 2 43.01 -3.86 22.24
C UNK A 2 41.77 -4.24 21.44
N UNK A 3 41.20 -5.39 21.76
CA UNK A 3 40.00 -5.85 21.07
C UNK A 3 39.04 -6.55 22.01
N UNK A 4 38.10 -7.32 21.45
CA UNK A 4 36.87 -7.62 22.17
C UNK A 4 36.58 -9.12 22.06
N UNK A 5 35.36 -9.53 22.41
CA UNK A 5 34.95 -10.90 22.26
C UNK A 5 33.98 -11.05 21.10
N VAL B 1 43.15 6.96 3.80
CA VAL B 1 41.93 6.24 3.52
C VAL B 1 42.03 4.82 4.04
N LEU B 2 41.05 4.40 4.85
CA LEU B 2 41.05 3.07 5.44
C LEU B 2 39.92 2.19 4.92
N TYR B 3 38.67 2.62 5.07
CA TYR B 3 37.52 1.85 4.61
C TYR B 3 37.52 0.44 5.22
N VAL B 4 37.37 0.40 6.54
CA VAL B 4 37.24 -0.86 7.27
C VAL B 4 35.78 -1.03 7.68
N GLY B 5 35.26 -2.23 7.49
CA GLY B 5 33.87 -2.46 7.83
C GLY B 5 33.47 -3.90 7.63
N SER B 6 32.17 -4.17 7.82
CA SER B 6 31.61 -5.50 7.63
C SER B 6 30.10 -5.40 7.70
N LYS B 7 29.42 -6.08 6.78
CA LYS B 7 27.96 -6.16 6.80
C LYS B 7 27.55 -7.62 6.78
N THR B 8 26.79 -8.03 7.79
CA THR B 8 26.36 -9.41 7.94
C THR B 8 24.85 -9.53 7.81
N LYS B 9 24.37 -10.77 7.78
CA LYS B 9 22.96 -11.09 7.69
C LYS B 9 22.75 -12.46 8.29
N GLU B 10 21.73 -12.60 9.14
CA GLU B 10 21.47 -13.86 9.84
C GLU B 10 19.97 -14.10 9.86
N GLY B 11 19.51 -15.05 9.06
CA GLY B 11 18.09 -15.28 8.95
C GLY B 11 17.39 -14.07 8.38
N VAL B 12 17.70 -13.74 7.13
CA VAL B 12 17.20 -12.54 6.47
C VAL B 12 16.54 -12.95 5.18
N VAL B 13 15.34 -12.43 4.94
CA VAL B 13 14.60 -12.64 3.70
C VAL B 13 14.36 -11.28 3.07
N HIS B 14 14.77 -11.12 1.82
CA HIS B 14 14.59 -9.83 1.19
C HIS B 14 14.51 -9.99 -0.32
N GLY B 15 13.47 -9.41 -0.92
CA GLY B 15 13.29 -9.44 -2.35
C GLY B 15 12.28 -10.42 -2.86
N VAL B 16 11.27 -10.78 -2.09
CA VAL B 16 10.26 -11.71 -2.52
C VAL B 16 9.17 -10.98 -3.29
N ALA B 17 8.53 -11.68 -4.23
CA ALA B 17 7.41 -11.13 -4.98
C ALA B 17 6.52 -12.31 -5.37
N THR B 18 5.28 -12.31 -4.91
CA THR B 18 4.42 -13.47 -5.00
C THR B 18 3.08 -13.09 -5.61
N VAL B 19 2.46 -14.04 -6.28
CA VAL B 19 1.11 -13.88 -6.82
C VAL B 19 0.37 -15.20 -6.62
N ALA B 20 -0.86 -15.11 -6.09
CA ALA B 20 -1.70 -16.28 -5.89
C ALA B 20 -3.08 -15.98 -6.45
N GLU B 21 -3.57 -16.85 -7.32
CA GLU B 21 -4.80 -16.62 -8.06
C GLU B 21 -5.75 -17.80 -7.93
N LYS B 22 -6.00 -18.24 -6.71
CA LYS B 22 -6.95 -19.32 -6.49
C LYS B 22 -8.37 -18.83 -6.75
N THR B 23 -9.26 -19.78 -6.97
CA THR B 23 -10.68 -19.51 -7.19
C THR B 23 -11.57 -20.07 -6.09
N LYS B 24 -11.16 -21.15 -5.44
CA LYS B 24 -11.93 -21.73 -4.36
C LYS B 24 -10.95 -22.46 -3.45
N GLU B 25 -10.61 -21.84 -2.33
CA GLU B 25 -9.62 -22.37 -1.40
C GLU B 25 -10.33 -22.77 -0.12
N GLN B 26 -10.49 -24.07 0.09
CA GLN B 26 -11.20 -24.60 1.25
C GLN B 26 -10.24 -25.34 2.16
N VAL B 27 -10.55 -25.34 3.46
CA VAL B 27 -9.79 -26.07 4.46
C VAL B 27 -10.78 -26.64 5.47
N THR B 28 -10.73 -27.94 5.69
CA THR B 28 -11.58 -28.60 6.67
C THR B 28 -10.70 -29.37 7.64
N ASN B 29 -10.85 -29.09 8.93
CA ASN B 29 -10.00 -29.68 9.96
C ASN B 29 -10.87 -30.21 11.08
N VAL B 30 -10.62 -31.44 11.49
CA VAL B 30 -11.31 -32.07 12.61
C VAL B 30 -10.26 -32.68 13.51
N GLY B 31 -9.95 -32.02 14.62
CA GLY B 31 -9.05 -32.55 15.62
C GLY B 31 -7.58 -32.51 15.29
N GLY B 32 -7.19 -32.00 14.12
CA GLY B 32 -5.80 -32.02 13.71
C GLY B 32 -5.12 -30.69 13.93
N ALA B 33 -4.22 -30.34 13.02
CA ALA B 33 -3.56 -29.04 13.06
C ALA B 33 -3.08 -28.75 11.64
N VAL B 34 -3.67 -27.74 11.00
CA VAL B 34 -3.33 -27.35 9.64
C VAL B 34 -2.54 -26.06 9.68
N VAL B 35 -1.55 -25.95 8.80
CA VAL B 35 -0.78 -24.72 8.63
C VAL B 35 -0.63 -24.47 7.14
N THR B 36 -0.98 -23.26 6.69
CA THR B 36 -1.04 -22.97 5.28
C THR B 36 -0.53 -21.57 5.01
N GLY B 37 0.07 -21.39 3.84
CA GLY B 37 0.31 -20.06 3.30
C GLY B 37 1.39 -19.25 3.99
N VAL B 38 2.39 -19.90 4.59
CA VAL B 38 3.49 -19.15 5.17
C VAL B 38 4.37 -18.61 4.04
N THR B 39 4.84 -17.38 4.19
CA THR B 39 5.61 -16.73 3.14
C THR B 39 6.47 -15.63 3.73
N ALA B 40 7.73 -15.57 3.31
CA ALA B 40 8.65 -14.49 3.65
C ALA B 40 8.75 -14.31 5.16
N VAL B 41 9.26 -15.33 5.84
CA VAL B 41 9.37 -15.33 7.29
C VAL B 41 10.82 -15.58 7.67
N ALA B 42 11.38 -14.68 8.48
CA ALA B 42 12.77 -14.77 8.92
C ALA B 42 12.82 -14.75 10.43
N GLN B 43 13.82 -15.44 10.98
CA GLN B 43 13.91 -15.62 12.42
C GLN B 43 15.36 -15.88 12.81
N LYS B 44 15.68 -15.57 14.06
CA LYS B 44 16.95 -15.95 14.66
C LYS B 44 16.70 -16.27 16.12
N THR B 45 17.27 -17.38 16.59
CA THR B 45 17.04 -17.86 17.95
C THR B 45 18.36 -18.28 18.56
N VAL B 46 18.56 -17.94 19.83
CA VAL B 46 19.77 -18.27 20.55
C VAL B 46 19.40 -19.05 21.80
N GLU B 47 19.89 -20.28 21.91
CA GLU B 47 19.63 -21.15 23.06
C GLU B 47 18.13 -21.43 23.21
N GLY B 48 17.50 -21.76 22.10
CA GLY B 48 16.11 -22.14 22.11
C GLY B 48 15.76 -22.86 20.83
N ALA B 49 14.69 -23.63 20.88
CA ALA B 49 14.26 -24.40 19.72
C ALA B 49 13.50 -23.49 18.77
N GLY B 50 14.14 -23.11 17.67
CA GLY B 50 13.45 -22.37 16.63
C GLY B 50 12.71 -23.33 15.71
N SER B 51 11.53 -22.91 15.27
CA SER B 51 10.66 -23.78 14.49
C SER B 51 9.62 -22.95 13.78
N ILE B 52 9.54 -23.10 12.46
CA ILE B 52 8.64 -22.30 11.63
C ILE B 52 7.71 -23.25 10.88
N ALA B 53 6.40 -22.99 10.96
CA ALA B 53 5.39 -23.75 10.25
C ALA B 53 5.40 -25.22 10.65
N ALA B 54 5.20 -25.45 11.93
CA ALA B 54 5.13 -26.80 12.48
C ALA B 54 3.69 -27.14 12.82
N ALA B 55 3.42 -28.43 12.94
CA ALA B 55 2.06 -28.89 13.23
C ALA B 55 2.12 -30.18 14.03
N THR B 56 1.18 -30.33 14.95
CA THR B 56 1.05 -31.55 15.75
C THR B 56 -0.39 -31.70 16.17
N GLY B 57 -0.84 -32.95 16.31
CA GLY B 57 -2.11 -33.25 16.93
C GLY B 57 -1.93 -34.17 18.13
N PHE B 58 -3.02 -34.33 18.86
CA PHE B 58 -3.18 -35.35 19.90
C PHE B 58 -1.92 -35.55 20.71
N VAL B 59 -1.46 -34.50 21.39
CA VAL B 59 -0.33 -34.65 22.32
C VAL B 59 -0.92 -35.10 23.65
N LYS B 60 -1.06 -36.42 23.78
CA LYS B 60 -1.68 -37.04 24.94
C LYS B 60 -0.58 -37.67 25.80
N LYS B 61 -0.20 -36.98 26.86
CA LYS B 61 0.88 -37.42 27.73
C LYS B 61 0.47 -38.55 28.66
N ASP B 62 -0.79 -38.97 28.63
CA ASP B 62 -1.25 -40.14 29.37
C ASP B 62 -2.56 -40.67 28.82
N UNK C 1 42.23 2.02 22.16
CA UNK C 1 42.99 1.76 23.39
C UNK C 1 42.54 0.46 24.04
N UNK C 2 41.31 0.45 24.53
CA UNK C 2 40.68 -0.72 25.12
C UNK C 2 39.44 -1.09 24.30
N UNK C 3 38.86 -2.24 24.62
CA UNK C 3 37.67 -2.68 23.90
C UNK C 3 36.69 -3.38 24.83
N UNK C 4 35.76 -4.15 24.26
CA UNK C 4 34.51 -4.44 24.96
C UNK C 4 34.22 -5.94 24.85
N UNK C 5 33.00 -6.33 25.17
CA UNK C 5 32.58 -7.71 25.01
C UNK C 5 31.61 -7.84 23.84
N VAL D 1 41.08 10.21 6.75
CA VAL D 1 39.85 9.50 6.45
C VAL D 1 39.94 8.07 6.95
N LEU D 2 38.95 7.65 7.75
CA LEU D 2 38.94 6.32 8.34
C LEU D 2 37.80 5.45 7.82
N TYR D 3 36.55 5.89 7.94
CA TYR D 3 35.40 5.13 7.47
C TYR D 3 35.39 3.72 8.07
N VAL D 4 35.22 3.67 9.38
CA VAL D 4 35.09 2.42 10.12
C VAL D 4 33.63 2.24 10.51
N GLY D 5 33.09 1.05 10.29
CA GLY D 5 31.69 0.82 10.63
C GLY D 5 31.29 -0.61 10.41
N SER D 6 29.99 -0.87 10.59
CA SER D 6 29.42 -2.19 10.38
C SER D 6 27.90 -2.09 10.43
N LYS D 7 27.22 -2.76 9.51
CA LYS D 7 25.78 -2.83 9.51
C LYS D 7 25.34 -4.29 9.48
N THR D 8 24.57 -4.70 10.48
CA THR D 8 24.13 -6.08 10.62
C THR D 8 22.63 -6.18 10.47
N LYS D 9 22.15 -7.41 10.43
CA LYS D 9 20.73 -7.73 10.32
C LYS D 9 20.51 -9.11 10.92
N GLU D 10 19.48 -9.23 11.76
CA GLU D 10 19.20 -10.49 12.44
C GLU D 10 17.70 -10.73 12.45
N GLY D 11 17.24 -11.67 11.63
CA GLY D 11 15.81 -11.89 11.51
C GLY D 11 15.13 -10.68 10.94
N VAL D 12 15.46 -10.34 9.69
CA VAL D 12 14.98 -9.13 9.04
C VAL D 12 14.32 -9.52 7.73
N VAL D 13 13.12 -9.00 7.49
CA VAL D 13 12.40 -9.19 6.24
C VAL D 13 12.17 -7.84 5.62
N HIS D 14 12.61 -7.66 4.38
CA HIS D 14 12.43 -6.37 3.74
C HIS D 14 12.37 -6.52 2.23
N GLY D 15 11.34 -5.93 1.63
CA GLY D 15 11.18 -5.95 0.20
C GLY D 15 10.15 -6.93 -0.33
N VAL D 16 9.14 -7.28 0.43
CA VAL D 16 8.12 -8.20 -0.02
C VAL D 16 7.05 -7.45 -0.80
N ALA D 17 6.42 -8.14 -1.73
CA ALA D 17 5.30 -7.59 -2.49
C ALA D 17 4.42 -8.75 -2.91
N THR D 18 3.16 -8.75 -2.45
CA THR D 18 2.30 -9.91 -2.56
C THR D 18 0.98 -9.50 -3.18
N VAL D 19 0.35 -10.44 -3.87
CA VAL D 19 -0.99 -10.28 -4.42
C VAL D 19 -1.75 -11.59 -4.24
N ALA D 20 -2.97 -11.50 -3.72
CA ALA D 20 -3.82 -12.67 -3.53
C ALA D 20 -5.20 -12.35 -4.10
N GLU D 21 -5.70 -13.22 -4.98
CA GLU D 21 -6.92 -12.97 -5.74
C GLU D 21 -7.87 -14.15 -5.63
N LYS D 22 -8.12 -14.59 -4.41
CA LYS D 22 -9.09 -15.66 -4.20
C LYS D 22 -10.51 -15.16 -4.48
N THR D 23 -11.40 -16.11 -4.70
CA THR D 23 -12.81 -15.82 -4.94
C THR D 23 -13.72 -16.39 -3.87
N LYS D 24 -13.32 -17.47 -3.20
CA LYS D 24 -14.11 -18.06 -2.13
C LYS D 24 -13.14 -18.79 -1.22
N GLU D 25 -12.81 -18.18 -0.10
CA GLU D 25 -11.84 -18.72 0.84
C GLU D 25 -12.56 -19.12 2.11
N GLN D 26 -12.72 -20.43 2.32
CA GLN D 26 -13.46 -20.95 3.45
C GLN D 26 -12.51 -21.72 4.37
N VAL D 27 -12.83 -21.72 5.66
CA VAL D 27 -12.09 -22.46 6.68
C VAL D 27 -13.09 -23.02 7.67
N THR D 28 -13.05 -24.34 7.89
CA THR D 28 -13.91 -24.99 8.86
C THR D 28 -13.05 -25.77 9.83
N ASN D 29 -13.21 -25.50 11.12
CA ASN D 29 -12.38 -26.09 12.15
C ASN D 29 -13.27 -26.63 13.26
N VAL D 30 -13.02 -27.87 13.67
CA VAL D 30 -13.73 -28.50 14.78
C VAL D 30 -12.69 -29.12 15.69
N GLY D 31 -12.39 -28.46 16.80
CA GLY D 31 -11.51 -29.01 17.81
C GLY D 31 -10.03 -28.98 17.48
N GLY D 32 -9.63 -28.47 16.33
CA GLY D 32 -8.23 -28.50 15.93
C GLY D 32 -7.55 -27.17 16.17
N ALA D 33 -6.63 -26.82 15.27
CA ALA D 33 -5.96 -25.53 15.31
C ALA D 33 -5.46 -25.22 13.91
N VAL D 34 -6.05 -24.21 13.26
CA VAL D 34 -5.68 -23.82 11.91
C VAL D 34 -4.89 -22.52 11.96
N VAL D 35 -3.89 -22.41 11.10
CA VAL D 35 -3.10 -21.20 10.94
C VAL D 35 -2.94 -20.94 9.46
N THR D 36 -3.28 -19.73 9.01
CA THR D 36 -3.33 -19.43 7.59
C THR D 36 -2.81 -18.02 7.34
N GLY D 37 -2.20 -17.84 6.18
CA GLY D 37 -1.94 -16.52 5.66
C GLY D 37 -0.86 -15.72 6.36
N VAL D 38 0.13 -16.37 6.97
CA VAL D 38 1.23 -15.64 7.57
C VAL D 38 2.13 -15.10 6.45
N THR D 39 2.60 -13.87 6.61
CA THR D 39 3.39 -13.22 5.56
C THR D 39 4.25 -12.12 6.17
N ALA D 40 5.52 -12.08 5.76
CA ALA D 40 6.44 -11.01 6.13
C ALA D 40 6.53 -10.83 7.64
N VAL D 41 7.02 -11.86 8.31
CA VAL D 41 7.12 -11.88 9.77
C VAL D 41 8.57 -12.13 10.15
N ALA D 42 9.12 -11.24 10.98
CA ALA D 42 10.50 -11.35 11.43
C ALA D 42 10.54 -11.33 12.94
N GLN D 43 11.53 -12.03 13.50
CA GLN D 43 11.60 -12.22 14.94
C GLN D 43 13.04 -12.49 15.34
N LYS D 44 13.35 -12.20 16.60
CA LYS D 44 14.61 -12.58 17.20
C LYS D 44 14.35 -12.91 18.66
N THR D 45 14.91 -14.02 19.13
CA THR D 45 14.66 -14.51 20.48
C THR D 45 15.97 -14.95 21.11
N VAL D 46 16.15 -14.63 22.39
CA VAL D 46 17.36 -14.96 23.11
C VAL D 46 16.97 -15.74 24.35
N GLU D 47 17.45 -16.98 24.46
CA GLU D 47 17.17 -17.85 25.60
C GLU D 47 15.67 -18.12 25.74
N GLY D 48 15.05 -18.45 24.61
CA GLY D 48 13.65 -18.82 24.61
C GLY D 48 13.32 -19.52 23.32
N ALA D 49 12.24 -20.28 23.35
CA ALA D 49 11.82 -21.05 22.18
C ALA D 49 11.07 -20.12 21.23
N GLY D 50 11.72 -19.74 20.14
CA GLY D 50 11.05 -19.00 19.09
C GLY D 50 10.31 -19.94 18.16
N SER D 51 9.14 -19.51 17.71
CA SER D 51 8.27 -20.37 16.92
C SER D 51 7.24 -19.53 16.20
N ILE D 52 7.17 -19.67 14.88
CA ILE D 52 6.28 -18.86 14.05
C ILE D 52 5.37 -19.80 13.29
N ALA D 53 4.06 -19.53 13.36
CA ALA D 53 3.04 -20.27 12.63
C ALA D 53 3.04 -21.75 13.03
N ALA D 54 2.83 -21.99 14.31
CA ALA D 54 2.74 -23.34 14.84
C ALA D 54 1.30 -23.67 15.17
N ALA D 55 1.01 -24.96 15.27
CA ALA D 55 -0.35 -25.41 15.55
C ALA D 55 -0.30 -26.70 16.34
N THR D 56 -1.25 -26.85 17.26
CA THR D 56 -1.40 -28.08 18.02
C THR D 56 -2.85 -28.22 18.45
N GLY D 57 -3.31 -29.46 18.57
CA GLY D 57 -4.58 -29.77 19.17
C GLY D 57 -4.41 -30.70 20.37
N PHE D 58 -5.52 -30.85 21.10
CA PHE D 58 -5.70 -31.88 22.12
C PHE D 58 -4.44 -32.10 22.95
N VAL D 59 -3.99 -31.05 23.64
CA VAL D 59 -2.86 -31.20 24.58
C VAL D 59 -3.48 -31.67 25.89
N LYS D 60 -3.62 -32.99 26.01
CA LYS D 60 -4.27 -33.60 27.17
C LYS D 60 -3.18 -34.24 28.03
N LYS D 61 -2.80 -33.57 29.11
CA LYS D 61 -1.73 -34.03 29.98
C LYS D 61 -2.16 -35.16 30.90
N ASP D 62 -3.42 -35.57 30.85
CA ASP D 62 -3.89 -36.74 31.59
C ASP D 62 -5.20 -37.26 31.01
N UNK E 1 39.93 5.17 25.07
CA UNK E 1 40.68 4.91 26.29
C UNK E 1 40.22 3.60 26.92
N UNK E 2 38.98 3.60 27.41
CA UNK E 2 38.34 2.43 27.99
C UNK E 2 37.11 2.08 27.15
N UNK E 3 36.52 0.93 27.46
CA UNK E 3 35.32 0.49 26.73
C UNK E 3 34.34 -0.21 27.64
N UNK E 4 33.40 -0.96 27.06
CA UNK E 4 32.15 -1.24 27.75
C UNK E 4 31.85 -2.74 27.62
N UNK E 5 30.62 -3.13 27.94
CA UNK E 5 30.19 -4.50 27.76
C UNK E 5 29.24 -4.62 26.58
N VAL F 1 38.99 13.46 9.68
CA VAL F 1 37.76 12.76 9.37
C VAL F 1 37.83 11.32 9.87
N LEU F 2 36.83 10.91 10.65
CA LEU F 2 36.81 9.57 11.23
C LEU F 2 35.67 8.72 10.69
N TYR F 3 34.42 9.17 10.81
CA TYR F 3 33.27 8.41 10.32
C TYR F 3 33.25 7.01 10.91
N VAL F 4 33.07 6.94 12.23
CA VAL F 4 32.92 5.68 12.95
C VAL F 4 31.45 5.52 13.32
N GLY F 5 30.90 4.33 13.10
CA GLY F 5 29.50 4.12 13.41
C GLY F 5 29.09 2.68 13.19
N SER F 6 27.79 2.43 13.35
CA SER F 6 27.21 1.12 13.12
C SER F 6 25.70 1.23 13.17
N LYS F 7 25.03 0.57 12.24
CA LYS F 7 23.57 0.51 12.22
C LYS F 7 23.13 -0.94 12.18
N THR F 8 22.35 -1.36 13.17
CA THR F 8 21.91 -2.73 13.29
C THR F 8 20.40 -2.82 13.13
N LYS F 9 19.90 -4.06 13.08
CA LYS F 9 18.49 -4.35 12.95
C LYS F 9 18.25 -5.74 13.54
N GLU F 10 17.21 -5.86 14.37
CA GLU F 10 16.92 -7.13 15.04
C GLU F 10 15.41 -7.35 15.04
N GLY F 11 14.96 -8.29 14.21
CA GLY F 11 13.54 -8.50 14.08
C GLY F 11 12.87 -7.28 13.50
N VAL F 12 13.21 -6.94 12.26
CA VAL F 12 12.74 -5.71 11.61
C VAL F 12 12.08 -6.10 10.30
N VAL F 13 10.90 -5.55 10.04
CA VAL F 13 10.19 -5.75 8.79
C VAL F 13 9.98 -4.38 8.17
N HIS F 14 10.42 -4.20 6.92
CA HIS F 14 10.27 -2.91 6.30
C HIS F 14 10.21 -3.05 4.79
N GLY F 15 9.19 -2.45 4.19
CA GLY F 15 9.05 -2.46 2.75
C GLY F 15 8.02 -3.42 2.21
N VAL F 16 7.00 -3.77 2.96
CA VAL F 16 5.97 -4.69 2.49
C VAL F 16 4.92 -3.93 1.71
N ALA F 17 4.29 -4.62 0.75
CA ALA F 17 3.18 -4.05 -0.01
C ALA F 17 2.29 -5.20 -0.44
N THR F 18 1.04 -5.18 0.01
CA THR F 18 0.18 -6.34 -0.11
C THR F 18 -1.15 -5.93 -0.75
N VAL F 19 -1.77 -6.86 -1.45
CA VAL F 19 -3.11 -6.68 -2.01
C VAL F 19 -3.87 -7.99 -1.84
N ALA F 20 -5.10 -7.90 -1.34
CA ALA F 20 -5.97 -9.06 -1.17
C ALA F 20 -7.34 -8.73 -1.75
N GLU F 21 -7.82 -9.58 -2.63
CA GLU F 21 -9.03 -9.32 -3.40
C GLU F 21 -10.00 -10.49 -3.30
N LYS F 22 -10.27 -10.94 -2.09
CA LYS F 22 -11.24 -12.00 -1.90
C LYS F 22 -12.66 -11.50 -2.18
N THR F 23 -13.55 -12.44 -2.43
CA THR F 23 -14.95 -12.14 -2.68
C THR F 23 -15.88 -12.71 -1.62
N LYS F 24 -15.49 -13.80 -0.96
CA LYS F 24 -16.30 -14.39 0.10
C LYS F 24 -15.34 -15.13 1.02
N GLU F 25 -15.02 -14.53 2.15
CA GLU F 25 -14.05 -15.07 3.09
C GLU F 25 -14.80 -15.49 4.36
N GLN F 26 -14.97 -16.78 4.55
CA GLN F 26 -15.71 -17.32 5.68
C GLN F 26 -14.78 -18.08 6.61
N VAL F 27 -15.12 -18.10 7.89
CA VAL F 27 -14.39 -18.85 8.91
C VAL F 27 -15.40 -19.41 9.89
N THR F 28 -15.37 -20.72 10.10
CA THR F 28 -16.25 -21.38 11.06
C THR F 28 -15.41 -22.17 12.03
N ASN F 29 -15.58 -21.91 13.32
CA ASN F 29 -14.75 -22.51 14.35
C ASN F 29 -15.66 -23.05 15.46
N VAL F 30 -15.43 -24.29 15.86
CA VAL F 30 -16.16 -24.93 16.96
C VAL F 30 -15.12 -25.55 17.87
N GLY F 31 -14.83 -24.90 18.99
CA GLY F 31 -13.96 -25.47 20.00
C GLY F 31 -12.48 -25.43 19.69
N GLY F 32 -12.06 -24.93 18.55
CA GLY F 32 -10.66 -24.96 18.17
C GLY F 32 -9.97 -23.64 18.42
N ALA F 33 -9.05 -23.30 17.53
CA ALA F 33 -8.38 -22.00 17.58
C ALA F 33 -7.86 -21.69 16.19
N VAL F 34 -8.42 -20.67 15.55
CA VAL F 34 -8.05 -20.29 14.20
C VAL F 34 -7.25 -19.00 14.26
N VAL F 35 -6.24 -18.89 13.41
CA VAL F 35 -5.44 -17.67 13.27
C VAL F 35 -5.27 -17.41 11.79
N THR F 36 -5.59 -16.19 11.35
CA THR F 36 -5.62 -15.88 9.93
C THR F 36 -5.09 -14.47 9.69
N GLY F 37 -4.47 -14.30 8.53
CA GLY F 37 -4.18 -12.97 8.02
C GLY F 37 -3.11 -12.19 8.74
N VAL F 38 -2.14 -12.84 9.35
CA VAL F 38 -1.04 -12.12 9.96
C VAL F 38 -0.13 -11.58 8.86
N THR F 39 0.35 -10.35 9.03
CA THR F 39 1.16 -9.72 7.99
C THR F 39 2.02 -8.62 8.62
N ALA F 40 3.29 -8.58 8.23
CA ALA F 40 4.22 -7.52 8.60
C ALA F 40 4.29 -7.35 10.12
N VAL F 41 4.78 -8.38 10.79
CA VAL F 41 4.86 -8.41 12.24
C VAL F 41 6.30 -8.67 12.65
N ALA F 42 6.85 -7.80 13.48
CA ALA F 42 8.22 -7.91 13.93
C ALA F 42 8.25 -7.91 15.46
N GLN F 43 9.22 -8.62 16.02
CA GLN F 43 9.28 -8.82 17.45
C GLN F 43 10.72 -9.10 17.87
N LYS F 44 11.02 -8.81 19.13
CA LYS F 44 12.28 -9.21 19.75
C LYS F 44 11.99 -9.55 21.20
N THR F 45 12.54 -10.67 21.67
CA THR F 45 12.27 -11.15 23.01
C THR F 45 13.58 -11.61 23.65
N VAL F 46 13.74 -11.29 24.93
CA VAL F 46 14.95 -11.64 25.67
C VAL F 46 14.53 -12.43 26.91
N GLU F 47 15.01 -13.67 27.01
CA GLU F 47 14.71 -14.54 28.14
C GLU F 47 13.22 -14.80 28.26
N GLY F 48 12.60 -15.11 27.13
CA GLY F 48 11.20 -15.48 27.11
C GLY F 48 10.87 -16.17 25.81
N ALA F 49 9.78 -16.93 25.83
CA ALA F 49 9.37 -17.69 24.66
C ALA F 49 8.64 -16.75 23.70
N GLY F 50 9.31 -16.37 22.61
CA GLY F 50 8.65 -15.62 21.57
C GLY F 50 7.91 -16.55 20.63
N SER F 51 6.75 -16.10 20.17
CA SER F 51 5.89 -16.96 19.36
C SER F 51 4.87 -16.10 18.64
N ILE F 52 4.81 -16.23 17.32
CA ILE F 52 3.93 -15.42 16.48
C ILE F 52 3.01 -16.34 15.70
N ALA F 53 1.71 -16.07 15.76
CA ALA F 53 0.69 -16.80 15.02
C ALA F 53 0.68 -18.27 15.41
N ALA F 54 0.46 -18.53 16.68
CA ALA F 54 0.35 -19.87 17.20
C ALA F 54 -1.09 -20.19 17.53
N ALA F 55 -1.40 -21.49 17.61
CA ALA F 55 -2.75 -21.93 17.89
C ALA F 55 -2.72 -23.23 18.67
N THR F 56 -3.69 -23.37 19.57
CA THR F 56 -3.85 -24.60 20.33
C THR F 56 -5.31 -24.73 20.73
N GLY F 57 -5.77 -25.98 20.85
CA GLY F 57 -7.05 -26.28 21.43
C GLY F 57 -6.91 -27.21 22.63
N PHE F 58 -8.02 -27.37 23.34
CA PHE F 58 -8.22 -28.40 24.36
C PHE F 58 -6.97 -28.63 25.20
N VAL F 59 -6.52 -27.59 25.89
CA VAL F 59 -5.40 -27.76 26.84
C VAL F 59 -6.02 -28.22 28.15
N LYS F 60 -6.19 -29.54 28.27
CA LYS F 60 -6.84 -30.16 29.42
C LYS F 60 -5.77 -30.82 30.28
N LYS F 61 -5.40 -30.14 31.36
CA LYS F 61 -4.34 -30.61 32.24
C LYS F 61 -4.78 -31.75 33.15
N ASP F 62 -6.05 -32.15 33.09
CA ASP F 62 -6.53 -33.32 33.81
C ASP F 62 -7.84 -33.83 33.22
N UNK G 1 37.62 8.35 27.97
CA UNK G 1 38.34 8.07 29.21
C UNK G 1 37.87 6.77 29.83
N UNK G 2 36.63 6.77 30.30
CA UNK G 2 35.98 5.59 30.86
C UNK G 2 34.76 5.26 30.02
N UNK G 3 34.15 4.10 30.30
CA UNK G 3 32.97 3.69 29.56
C UNK G 3 31.96 2.99 30.47
N UNK G 4 31.03 2.25 29.87
CA UNK G 4 29.76 1.96 30.55
C UNK G 4 29.46 0.47 30.41
N UNK G 5 28.22 0.09 30.70
CA UNK G 5 27.79 -1.29 30.52
C UNK G 5 26.84 -1.39 29.33
N VAL H 1 36.89 16.73 12.62
CA VAL H 1 35.65 16.03 12.30
C VAL H 1 35.71 14.59 12.79
N LEU H 2 34.70 14.18 13.56
CA LEU H 2 34.65 12.85 14.14
C LEU H 2 33.52 12.00 13.57
N TYR H 3 32.28 12.45 13.68
CA TYR H 3 31.13 11.71 13.18
C TYR H 3 31.09 10.30 13.76
N VAL H 4 30.89 10.23 15.07
CA VAL H 4 30.72 8.98 15.79
C VAL H 4 29.25 8.81 16.15
N GLY H 5 28.70 7.63 15.91
CA GLY H 5 27.30 7.42 16.21
C GLY H 5 26.87 5.99 15.97
N SER H 6 25.57 5.75 16.12
CA SER H 6 24.98 4.44 15.90
C SER H 6 23.48 4.57 15.91
N LYS H 7 22.81 3.91 14.97
CA LYS H 7 21.35 3.86 14.94
C LYS H 7 20.91 2.41 14.89
N THR H 8 20.11 2.00 15.88
CA THR H 8 19.65 0.62 15.98
C THR H 8 18.15 0.54 15.81
N LYS H 9 17.65 -0.68 15.73
CA LYS H 9 16.23 -0.97 15.60
C LYS H 9 15.98 -2.36 16.18
N GLU H 10 14.93 -2.48 16.99
CA GLU H 10 14.62 -3.75 17.66
C GLU H 10 13.12 -3.96 17.63
N GLY H 11 12.66 -4.89 16.80
CA GLY H 11 11.24 -5.09 16.65
C GLY H 11 10.59 -3.86 16.07
N VAL H 12 10.94 -3.51 14.84
CA VAL H 12 10.48 -2.29 14.20
C VAL H 12 9.84 -2.66 12.87
N VAL H 13 8.66 -2.11 12.61
CA VAL H 13 7.96 -2.29 11.34
C VAL H 13 7.76 -0.92 10.73
N HIS H 14 8.22 -0.74 9.50
CA HIS H 14 8.09 0.56 8.87
C HIS H 14 8.04 0.44 7.36
N GLY H 15 7.04 1.04 6.74
CA GLY H 15 6.90 1.04 5.32
C GLY H 15 5.88 0.08 4.75
N VAL H 16 4.85 -0.26 5.50
CA VAL H 16 3.82 -1.17 5.01
C VAL H 16 2.78 -0.39 4.22
N ALA H 17 2.16 -1.07 3.26
CA ALA H 17 1.06 -0.49 2.49
C ALA H 17 0.16 -1.64 2.05
N THR H 18 -1.09 -1.62 2.47
CA THR H 18 -1.96 -2.77 2.34
C THR H 18 -3.28 -2.34 1.70
N VAL H 19 -3.91 -3.27 0.98
CA VAL H 19 -5.23 -3.07 0.41
C VAL H 19 -6.00 -4.37 0.56
N ALA H 20 -7.24 -4.28 1.06
CA ALA H 20 -8.11 -5.43 1.21
C ALA H 20 -9.47 -5.10 0.62
N GLU H 21 -9.96 -5.94 -0.28
CA GLU H 21 -11.16 -5.66 -1.05
C GLU H 21 -12.13 -6.83 -0.98
N LYS H 22 -12.42 -7.29 0.23
CA LYS H 22 -13.40 -8.35 0.41
C LYS H 22 -14.81 -7.83 0.12
N THR H 23 -15.71 -8.76 -0.15
CA THR H 23 -17.11 -8.45 -0.41
C THR H 23 -18.04 -9.02 0.65
N LYS H 24 -17.67 -10.11 1.30
CA LYS H 24 -18.50 -10.70 2.35
C LYS H 24 -17.55 -11.46 3.27
N GLU H 25 -17.24 -10.86 4.41
CA GLU H 25 -16.28 -11.43 5.36
C GLU H 25 -17.04 -11.84 6.62
N GLN H 26 -17.22 -13.13 6.80
CA GLN H 26 -17.99 -13.67 7.91
C GLN H 26 -17.07 -14.45 8.85
N VAL H 27 -17.42 -14.46 10.14
CA VAL H 27 -16.71 -15.23 11.15
C VAL H 27 -17.73 -15.79 12.12
N THR H 28 -17.71 -17.11 12.32
CA THR H 28 -18.60 -17.76 13.27
C THR H 28 -17.77 -18.56 14.25
N ASN H 29 -17.96 -18.30 15.53
CA ASN H 29 -17.15 -18.92 16.57
C ASN H 29 -18.06 -19.45 17.66
N VAL H 30 -17.85 -20.70 18.07
CA VAL H 30 -18.59 -21.33 19.15
C VAL H 30 -17.57 -21.98 20.06
N GLY H 31 -17.29 -21.33 21.20
CA GLY H 31 -16.43 -21.91 22.21
C GLY H 31 -14.94 -21.89 21.91
N GLY H 32 -14.52 -21.38 20.78
CA GLY H 32 -13.11 -21.41 20.41
C GLY H 32 -12.42 -20.10 20.68
N ALA H 33 -11.47 -19.76 19.80
CA ALA H 33 -10.80 -18.47 19.87
C ALA H 33 -10.26 -18.16 18.48
N VAL H 34 -10.81 -17.13 17.83
CA VAL H 34 -10.42 -16.73 16.49
C VAL H 34 -9.61 -15.45 16.57
N VAL H 35 -8.59 -15.35 15.73
CA VAL H 35 -7.79 -14.13 15.61
C VAL H 35 -7.60 -13.86 14.12
N THR H 36 -7.91 -12.64 13.69
CA THR H 36 -7.93 -12.32 12.27
C THR H 36 -7.38 -10.92 12.05
N GLY H 37 -6.74 -10.74 10.89
CA GLY H 37 -6.45 -9.41 10.39
C GLY H 37 -5.38 -8.64 11.13
N VAL H 38 -4.42 -9.31 11.75
CA VAL H 38 -3.31 -8.59 12.37
C VAL H 38 -2.39 -8.05 11.29
N THR H 39 -1.91 -6.83 11.46
CA THR H 39 -1.07 -6.19 10.44
C THR H 39 -0.21 -5.11 11.07
N ALA H 40 1.05 -5.07 10.70
CA ALA H 40 1.98 -4.01 11.09
C ALA H 40 2.04 -3.86 12.60
N VAL H 41 2.50 -4.90 13.28
CA VAL H 41 2.58 -4.93 14.73
C VAL H 41 4.02 -5.21 15.15
N ALA H 42 4.56 -4.34 15.98
CA ALA H 42 5.93 -4.47 16.47
C ALA H 42 5.94 -4.47 17.98
N GLN H 43 6.91 -5.19 18.55
CA GLN H 43 6.95 -5.40 19.98
C GLN H 43 8.38 -5.69 20.41
N LYS H 44 8.67 -5.42 21.68
CA LYS H 44 9.91 -5.83 22.31
C LYS H 44 9.62 -6.17 23.75
N THR H 45 10.15 -7.30 24.22
CA THR H 45 9.87 -7.79 25.56
C THR H 45 11.16 -8.25 26.21
N VAL H 46 11.33 -7.95 27.50
CA VAL H 46 12.52 -8.31 28.24
C VAL H 46 12.09 -9.10 29.47
N GLU H 47 12.55 -10.34 29.57
CA GLU H 47 12.24 -11.22 30.69
C GLU H 47 10.74 -11.47 30.79
N GLY H 48 10.13 -11.77 29.65
CA GLY H 48 8.73 -12.13 29.62
C GLY H 48 8.41 -12.81 28.32
N ALA H 49 7.32 -13.56 28.32
CA ALA H 49 6.91 -14.30 27.14
C ALA H 49 6.19 -13.36 26.18
N GLY H 50 6.88 -12.97 25.11
CA GLY H 50 6.23 -12.22 24.06
C GLY H 50 5.50 -13.14 23.10
N SER H 51 4.34 -12.69 22.63
CA SER H 51 3.49 -13.53 21.81
C SER H 51 2.48 -12.66 21.08
N ILE H 52 2.43 -12.78 19.76
CA ILE H 52 1.57 -11.96 18.93
C ILE H 52 0.65 -12.87 18.13
N ALA H 53 -0.65 -12.59 18.18
CA ALA H 53 -1.67 -13.30 17.42
C ALA H 53 -1.69 -14.79 17.79
N ALA H 54 -1.92 -15.05 19.08
CA ALA H 54 -2.04 -16.40 19.58
C ALA H 54 -3.50 -16.71 19.89
N ALA H 55 -3.81 -18.01 19.96
CA ALA H 55 -5.17 -18.43 20.22
C ALA H 55 -5.17 -19.74 21.00
N THR H 56 -6.14 -19.88 21.89
CA THR H 56 -6.31 -21.12 22.65
C THR H 56 -7.77 -21.24 23.04
N GLY H 57 -8.24 -22.48 23.13
CA GLY H 57 -9.53 -22.77 23.71
C GLY H 57 -9.41 -23.71 24.89
N PHE H 58 -10.52 -23.87 25.60
CA PHE H 58 -10.75 -24.90 26.61
C PHE H 58 -9.50 -25.14 27.46
N VAL H 59 -9.05 -24.11 28.17
CA VAL H 59 -7.94 -24.29 29.12
C VAL H 59 -8.59 -24.76 30.42
N LYS H 60 -8.76 -26.08 30.52
CA LYS H 60 -9.43 -26.70 31.67
C LYS H 60 -8.37 -27.37 32.54
N LYS H 61 -8.00 -26.70 33.63
CA LYS H 61 -6.95 -27.19 34.52
C LYS H 61 -7.42 -28.33 35.42
N ASP H 62 -8.68 -28.71 35.34
CA ASP H 62 -9.18 -29.89 36.05
C ASP H 62 -10.49 -30.38 35.45
N UNK I 1 35.32 11.49 30.87
CA UNK I 1 36.03 11.20 32.11
C UNK I 1 35.54 9.89 32.72
N UNK I 2 34.30 9.91 33.17
CA UNK I 2 33.63 8.73 33.72
C UNK I 2 32.41 8.41 32.87
N UNK I 3 31.80 7.26 33.13
CA UNK I 3 30.62 6.85 32.38
C UNK I 3 29.59 6.16 33.27
N UNK I 4 28.67 5.42 32.66
CA UNK I 4 27.39 5.15 33.32
C UNK I 4 27.08 3.66 33.17
N UNK I 5 25.84 3.28 33.45
CA UNK I 5 25.39 1.91 33.25
C UNK I 5 24.46 1.82 32.06
N VAL J 1 34.80 19.96 15.57
CA VAL J 1 33.56 19.28 15.22
C VAL J 1 33.60 17.84 15.71
N LEU J 2 32.58 17.43 16.46
CA LEU J 2 32.52 16.09 17.03
C LEU J 2 31.39 15.25 16.44
N TYR J 3 30.15 15.71 16.55
CA TYR J 3 28.99 14.98 16.03
C TYR J 3 28.94 13.57 16.61
N VAL J 4 28.73 13.49 17.92
CA VAL J 4 28.54 12.23 18.62
C VAL J 4 27.07 12.08 18.96
N GLY J 5 26.52 10.91 18.72
CA GLY J 5 25.11 10.71 18.99
C GLY J 5 24.67 9.28 18.75
N SER J 6 23.38 9.05 18.89
CA SER J 6 22.78 7.75 18.64
C SER J 6 21.27 7.88 18.64
N LYS J 7 20.61 7.24 17.69
CA LYS J 7 19.16 7.19 17.65
C LYS J 7 18.70 5.74 17.59
N THR J 8 17.88 5.34 18.55
CA THR J 8 17.42 3.96 18.65
C THR J 8 15.91 3.89 18.46
N LYS J 9 15.41 2.67 18.37
CA LYS J 9 13.99 2.39 18.22
C LYS J 9 13.73 1.01 18.79
N GLU J 10 12.67 0.88 19.59
CA GLU J 10 12.34 -0.38 20.25
C GLU J 10 10.84 -0.59 20.22
N GLY J 11 10.38 -1.51 19.37
CA GLY J 11 8.96 -1.69 19.20
C GLY J 11 8.32 -0.47 18.62
N VAL J 12 8.69 -0.11 17.39
CA VAL J 12 8.25 1.13 16.76
C VAL J 12 7.62 0.77 15.42
N VAL J 13 6.45 1.33 15.15
CA VAL J 13 5.76 1.16 13.88
C VAL J 13 5.57 2.54 13.27
N HIS J 14 6.05 2.72 12.05
CA HIS J 14 5.93 4.02 11.42
C HIS J 14 5.90 3.91 9.91
N GLY J 15 4.90 4.53 9.29
CA GLY J 15 4.77 4.53 7.86
C GLY J 15 3.75 3.58 7.28
N VAL J 16 2.71 3.24 8.01
CA VAL J 16 1.69 2.35 7.52
C VAL J 16 0.66 3.13 6.72
N ALA J 17 0.04 2.46 5.75
CA ALA J 17 -1.05 3.06 4.96
C ALA J 17 -1.95 1.92 4.51
N THR J 18 -3.20 1.94 4.93
CA THR J 18 -4.09 0.81 4.78
C THR J 18 -5.39 1.24 4.12
N VAL J 19 -6.01 0.32 3.39
CA VAL J 19 -7.33 0.53 2.81
C VAL J 19 -8.11 -0.77 2.94
N ALA J 20 -9.35 -0.67 3.43
CA ALA J 20 -10.24 -1.81 3.57
C ALA J 20 -11.59 -1.46 2.96
N GLU J 21 -12.06 -2.30 2.06
CA GLU J 21 -13.27 -2.02 1.27
C GLU J 21 -14.24 -3.17 1.33
N LYS J 22 -14.55 -3.64 2.54
CA LYS J 22 -15.54 -4.69 2.69
C LYS J 22 -16.93 -4.16 2.39
N THR J 23 -17.84 -5.08 2.12
CA THR J 23 -19.24 -4.76 1.85
C THR J 23 -20.18 -5.33 2.88
N LYS J 24 -19.83 -6.43 3.54
CA LYS J 24 -20.66 -7.01 4.57
C LYS J 24 -19.74 -7.79 5.50
N GLU J 25 -19.43 -7.20 6.64
CA GLU J 25 -18.49 -7.78 7.61
C GLU J 25 -19.27 -8.19 8.84
N GLN J 26 -19.46 -9.49 9.02
CA GLN J 26 -20.23 -10.02 10.13
C GLN J 26 -19.33 -10.82 11.06
N VAL J 27 -19.69 -10.83 12.33
CA VAL J 27 -19.00 -11.61 13.35
C VAL J 27 -20.03 -12.16 14.31
N THR J 28 -20.03 -13.49 14.51
CA THR J 28 -20.93 -14.13 15.44
C THR J 28 -20.11 -14.95 16.43
N ASN J 29 -20.31 -14.70 17.72
CA ASN J 29 -19.53 -15.33 18.76
C ASN J 29 -20.45 -15.86 19.84
N VAL J 30 -20.24 -17.11 20.22
CA VAL J 30 -21.00 -17.75 21.30
C VAL J 30 -20.00 -18.40 22.22
N GLY J 31 -19.71 -17.77 23.36
CA GLY J 31 -18.88 -18.35 24.38
C GLY J 31 -17.38 -18.35 24.11
N GLY J 32 -16.94 -17.83 22.98
CA GLY J 32 -15.54 -17.88 22.62
C GLY J 32 -14.83 -16.57 22.90
N ALA J 33 -13.88 -16.23 22.04
CA ALA J 33 -13.19 -14.94 22.11
C ALA J 33 -12.64 -14.63 20.73
N VAL J 34 -13.18 -13.60 20.10
CA VAL J 34 -12.77 -13.20 18.76
C VAL J 34 -11.96 -11.91 18.85
N VAL J 35 -10.93 -11.81 18.02
CA VAL J 35 -10.12 -10.60 17.91
C VAL J 35 -9.91 -10.32 16.44
N THR J 36 -10.20 -9.10 16.01
CA THR J 36 -10.21 -8.77 14.59
C THR J 36 -9.65 -7.37 14.37
N GLY J 37 -9.00 -7.19 13.24
CA GLY J 37 -8.69 -5.86 12.75
C GLY J 37 -7.63 -5.09 13.49
N VAL J 38 -6.68 -5.78 14.12
CA VAL J 38 -5.56 -5.08 14.76
C VAL J 38 -4.63 -4.54 13.68
N THR J 39 -4.14 -3.31 13.87
CA THR J 39 -3.30 -2.68 12.87
C THR J 39 -2.44 -1.61 13.52
N ALA J 40 -1.16 -1.58 13.15
CA ALA J 40 -0.23 -0.52 13.55
C ALA J 40 -0.19 -0.37 15.07
N VAL J 41 0.27 -1.42 15.74
CA VAL J 41 0.32 -1.47 17.20
C VAL J 41 1.75 -1.76 17.63
N ALA J 42 2.30 -0.89 18.47
CA ALA J 42 3.66 -1.03 18.97
C ALA J 42 3.66 -1.05 20.49
N GLN J 43 4.61 -1.78 21.05
CA GLN J 43 4.64 -2.00 22.49
C GLN J 43 6.06 -2.31 22.93
N LYS J 44 6.34 -2.04 24.20
CA LYS J 44 7.58 -2.46 24.84
C LYS J 44 7.26 -2.81 26.28
N THR J 45 7.79 -3.94 26.74
CA THR J 45 7.49 -4.44 28.08
C THR J 45 8.77 -4.92 28.74
N VAL J 46 8.92 -4.62 30.03
CA VAL J 46 10.10 -4.99 30.78
C VAL J 46 9.66 -5.78 32.00
N GLU J 47 10.10 -7.03 32.10
CA GLU J 47 9.78 -7.92 33.21
C GLU J 47 8.27 -8.15 33.30
N GLY J 48 7.68 -8.45 32.16
CA GLY J 48 6.26 -8.80 32.11
C GLY J 48 5.96 -9.48 30.79
N ALA J 49 4.86 -10.21 30.78
CA ALA J 49 4.47 -10.95 29.59
C ALA J 49 3.77 -10.00 28.62
N GLY J 50 4.46 -9.61 27.56
CA GLY J 50 3.83 -8.83 26.51
C GLY J 50 3.11 -9.74 25.55
N SER J 51 1.95 -9.28 25.07
CA SER J 51 1.10 -10.11 24.23
C SER J 51 0.10 -9.23 23.51
N ILE J 52 0.06 -9.35 22.18
CA ILE J 52 -0.77 -8.51 21.33
C ILE J 52 -1.70 -9.41 20.52
N ALA J 53 -2.99 -9.12 20.57
CA ALA J 53 -4.00 -9.83 19.79
C ALA J 53 -4.05 -11.31 20.16
N ALA J 54 -4.29 -11.58 21.44
CA ALA J 54 -4.43 -12.94 21.94
C ALA J 54 -5.89 -13.24 22.22
N ALA J 55 -6.21 -14.53 22.29
CA ALA J 55 -7.57 -14.95 22.52
C ALA J 55 -7.58 -16.26 23.29
N THR J 56 -8.56 -16.41 24.18
CA THR J 56 -8.76 -17.63 24.93
C THR J 56 -10.23 -17.76 25.29
N GLY J 57 -10.71 -18.99 25.38
CA GLY J 57 -12.01 -19.28 25.95
C GLY J 57 -11.89 -20.23 27.13
N PHE J 58 -13.02 -20.37 27.82
CA PHE J 58 -13.25 -21.41 28.81
C PHE J 58 -12.02 -21.68 29.68
N VAL J 59 -11.57 -20.65 30.40
CA VAL J 59 -10.48 -20.84 31.37
C VAL J 59 -11.13 -21.32 32.65
N LYS J 60 -11.32 -22.63 32.76
CA LYS J 60 -12.01 -23.25 33.88
C LYS J 60 -10.96 -23.93 34.76
N LYS J 61 -10.60 -23.28 35.85
CA LYS J 61 -9.56 -23.78 36.75
C LYS J 61 -10.04 -24.91 37.64
N ASP J 62 -11.31 -25.30 37.54
CA ASP J 62 -11.82 -26.48 38.25
C ASP J 62 -13.13 -26.96 37.63
N UNK K 1 33.00 14.65 33.75
CA UNK K 1 33.70 14.35 34.99
C UNK K 1 33.20 13.04 35.59
N UNK K 2 31.94 13.05 36.04
CA UNK K 2 31.27 11.88 36.57
C UNK K 2 30.05 11.57 35.70
N UNK K 3 29.43 10.42 35.96
CA UNK K 3 28.26 10.04 35.20
C UNK K 3 27.22 9.34 36.07
N UNK K 4 26.29 8.62 35.45
CA UNK K 4 25.01 8.35 36.09
C UNK K 4 24.69 6.85 35.93
N UNK K 5 23.44 6.49 36.20
CA UNK K 5 22.99 5.12 35.99
C UNK K 5 22.07 5.05 34.78
N VAL L 1 32.69 23.21 18.49
CA VAL L 1 31.45 22.53 18.12
C VAL L 1 31.48 21.09 18.61
N LEU L 2 30.45 20.68 19.35
CA LEU L 2 30.37 19.34 19.91
C LEU L 2 29.24 18.51 19.32
N TYR L 3 28.00 18.98 19.40
CA TYR L 3 26.85 18.26 18.87
C TYR L 3 26.78 16.85 19.44
N VAL L 4 26.56 16.76 20.75
CA VAL L 4 26.35 15.50 21.44
C VAL L 4 24.88 15.36 21.77
N GLY L 5 24.31 14.19 21.52
CA GLY L 5 22.90 14.00 21.78
C GLY L 5 22.46 12.57 21.52
N SER L 6 21.17 12.35 21.64
CA SER L 6 20.56 11.05 21.38
C SER L 6 19.05 11.19 21.37
N LYS L 7 18.39 10.56 20.41
CA LYS L 7 16.94 10.53 20.36
C LYS L 7 16.48 9.09 20.27
N THR L 8 15.65 8.68 21.24
CA THR L 8 15.18 7.31 21.32
C THR L 8 13.66 7.24 21.11
N LYS L 9 13.16 6.03 21.02
CA LYS L 9 11.74 5.76 20.85
C LYS L 9 11.45 4.37 21.41
N GLU L 10 10.39 4.26 22.20
CA GLU L 10 10.05 2.99 22.85
C GLU L 10 8.55 2.79 22.79
N GLY L 11 8.10 1.88 21.94
CA GLY L 11 6.67 1.70 21.76
C GLY L 11 6.05 2.94 21.17
N VAL L 12 6.43 3.30 19.95
CA VAL L 12 6.01 4.54 19.31
C VAL L 12 5.38 4.19 17.98
N VAL L 13 4.22 4.76 17.70
CA VAL L 13 3.55 4.61 16.42
C VAL L 13 3.38 5.98 15.81
N HIS L 14 3.87 6.17 14.59
CA HIS L 14 3.75 7.48 13.98
C HIS L 14 3.74 7.38 12.47
N GLY L 15 2.76 8.00 11.84
CA GLY L 15 2.64 8.02 10.41
C GLY L 15 1.62 7.08 9.81
N VAL L 16 0.57 6.75 10.54
CA VAL L 16 -0.46 5.85 10.01
C VAL L 16 -1.48 6.65 9.23
N ALA L 17 -2.09 6.00 8.24
CA ALA L 17 -3.16 6.61 7.45
C ALA L 17 -4.06 5.47 6.98
N THR L 18 -5.32 5.50 7.38
CA THR L 18 -6.21 4.37 7.21
C THR L 18 -7.51 4.82 6.56
N VAL L 19 -8.13 3.91 5.82
CA VAL L 19 -9.44 4.13 5.22
C VAL L 19 -10.23 2.84 5.34
N ALA L 20 -11.48 2.94 5.81
CA ALA L 20 -12.37 1.79 5.94
C ALA L 20 -13.72 2.17 5.32
N GLU L 21 -14.19 1.34 4.41
CA GLU L 21 -15.38 1.63 3.61
C GLU L 21 -16.37 0.48 3.66
N LYS L 22 -16.68 0.02 4.85
CA LYS L 22 -17.68 -1.03 4.99
C LYS L 22 -19.07 -0.49 4.68
N THR L 23 -19.98 -1.40 4.40
CA THR L 23 -21.37 -1.08 4.10
C THR L 23 -22.33 -1.64 5.13
N LYS L 24 -21.99 -2.75 5.78
CA LYS L 24 -22.84 -3.34 6.81
C LYS L 24 -21.93 -4.12 7.75
N GLU L 25 -21.63 -3.54 8.89
CA GLU L 25 -20.70 -4.12 9.85
C GLU L 25 -21.49 -4.54 11.09
N GLN L 26 -21.70 -5.84 11.25
CA GLN L 26 -22.48 -6.38 12.35
C GLN L 26 -21.60 -7.18 13.29
N VAL L 27 -21.97 -7.20 14.56
CA VAL L 27 -21.29 -7.99 15.58
C VAL L 27 -22.34 -8.55 16.53
N THR L 28 -22.35 -9.86 16.72
CA THR L 28 -23.27 -10.51 17.64
C THR L 28 -22.46 -11.35 18.62
N ASN L 29 -22.67 -11.09 19.91
CA ASN L 29 -21.90 -11.74 20.95
C ASN L 29 -22.84 -12.27 22.02
N VAL L 30 -22.64 -13.53 22.41
CA VAL L 30 -23.42 -14.16 23.47
C VAL L 30 -22.42 -14.82 24.40
N GLY L 31 -22.15 -14.20 25.54
CA GLY L 31 -21.32 -14.80 26.57
C GLY L 31 -19.83 -14.79 26.31
N GLY L 32 -19.38 -14.27 25.18
CA GLY L 32 -17.96 -14.33 24.84
C GLY L 32 -17.25 -13.03 25.14
N ALA L 33 -16.29 -12.69 24.29
CA ALA L 33 -15.60 -11.41 24.38
C ALA L 33 -15.03 -11.09 23.00
N VAL L 34 -15.56 -10.05 22.36
CA VAL L 34 -15.14 -9.65 21.03
C VAL L 34 -14.32 -8.37 21.14
N VAL L 35 -13.27 -8.27 20.32
CA VAL L 35 -12.44 -7.07 20.23
C VAL L 35 -12.22 -6.78 18.75
N THR L 36 -12.51 -5.55 18.33
CA THR L 36 -12.49 -5.22 16.91
C THR L 36 -11.93 -3.82 16.71
N GLY L 37 -11.27 -3.64 15.59
CA GLY L 37 -10.95 -2.30 15.10
C GLY L 37 -9.89 -1.55 15.86
N VAL L 38 -8.94 -2.24 16.49
CA VAL L 38 -7.83 -1.55 17.15
C VAL L 38 -6.88 -1.02 16.09
N THR L 39 -6.39 0.20 16.29
CA THR L 39 -5.53 0.84 15.29
C THR L 39 -4.68 1.90 15.96
N ALA L 40 -3.39 1.92 15.60
CA ALA L 40 -2.46 2.97 16.03
C ALA L 40 -2.43 3.11 17.55
N VAL L 41 -1.99 2.04 18.21
CA VAL L 41 -1.95 2.00 19.66
C VAL L 41 -0.52 1.70 20.11
N ALA L 42 0.03 2.55 20.97
CA ALA L 42 1.38 2.40 21.47
C ALA L 42 1.36 2.37 22.98
N GLN L 43 2.31 1.64 23.57
CA GLN L 43 2.32 1.41 25.00
C GLN L 43 3.73 1.09 25.45
N LYS L 44 4.00 1.35 26.72
CA LYS L 44 5.23 0.92 27.37
C LYS L 44 4.90 0.55 28.81
N THR L 45 5.41 -0.58 29.28
CA THR L 45 5.09 -1.08 30.61
C THR L 45 6.37 -1.57 31.27
N VAL L 46 6.51 -1.28 32.56
CA VAL L 46 7.68 -1.66 33.33
C VAL L 46 7.21 -2.46 34.53
N GLU L 47 7.65 -3.71 34.63
CA GLU L 47 7.31 -4.60 35.74
C GLU L 47 5.80 -4.83 35.81
N GLY L 48 5.22 -5.12 34.65
CA GLY L 48 3.81 -5.44 34.59
C GLY L 48 3.51 -6.11 33.27
N ALA L 49 2.40 -6.85 33.25
CA ALA L 49 2.01 -7.58 32.04
C ALA L 49 1.33 -6.62 31.08
N GLY L 50 2.04 -6.23 30.02
CA GLY L 50 1.43 -5.44 28.98
C GLY L 50 0.70 -6.34 27.99
N SER L 51 -0.44 -5.86 27.51
CA SER L 51 -1.29 -6.69 26.66
C SER L 51 -2.28 -5.80 25.92
N ILE L 52 -2.30 -5.90 24.60
CA ILE L 52 -3.13 -5.07 23.75
C ILE L 52 -4.05 -5.95 22.94
N ALA L 53 -5.34 -5.65 22.96
CA ALA L 53 -6.35 -6.35 22.18
C ALA L 53 -6.40 -7.83 22.53
N ALA L 54 -6.67 -8.10 23.81
CA ALA L 54 -6.82 -9.46 24.30
C ALA L 54 -8.28 -9.75 24.56
N ALA L 55 -8.61 -11.04 24.62
CA ALA L 55 -9.98 -11.45 24.84
C ALA L 55 -10.01 -12.77 25.60
N THR L 56 -11.00 -12.92 26.47
CA THR L 56 -11.20 -14.15 27.21
C THR L 56 -12.68 -14.26 27.57
N GLY L 57 -13.17 -15.49 27.64
CA GLY L 57 -14.48 -15.77 28.19
C GLY L 57 -14.39 -16.74 29.37
N PHE L 58 -15.52 -16.87 30.05
CA PHE L 58 -15.77 -17.92 31.04
C PHE L 58 -14.54 -18.19 31.92
N VAL L 59 -14.10 -17.17 32.65
CA VAL L 59 -13.02 -17.38 33.62
C VAL L 59 -13.68 -17.86 34.90
N LYS L 60 -13.88 -19.17 34.99
CA LYS L 60 -14.58 -19.79 36.10
C LYS L 60 -13.55 -20.49 36.99
N LYS L 61 -13.19 -19.84 38.10
CA LYS L 61 -12.17 -20.35 39.00
C LYS L 61 -12.66 -21.49 39.88
N ASP L 62 -13.94 -21.86 39.76
CA ASP L 62 -14.46 -23.04 40.45
C ASP L 62 -15.76 -23.51 39.83
N UNK M 1 -36.75 -12.02 -28.72
CA UNK M 1 -37.61 -11.62 -29.82
C UNK M 1 -36.80 -10.96 -30.92
N UNK M 2 -36.25 -9.79 -30.62
CA UNK M 2 -35.37 -9.06 -31.51
C UNK M 2 -34.00 -8.91 -30.86
N UNK M 3 -33.04 -8.42 -31.64
CA UNK M 3 -31.69 -8.24 -31.12
C UNK M 3 -31.04 -6.97 -31.67
N UNK M 4 -29.72 -6.87 -31.56
CA UNK M 4 -29.06 -5.56 -31.57
C UNK M 4 -27.87 -5.61 -32.54
N UNK M 5 -27.01 -4.61 -32.45
CA UNK M 5 -25.79 -4.60 -33.25
C UNK M 5 -24.58 -4.88 -32.37
N VAL N 1 -34.32 -22.19 -14.67
CA VAL N 1 -32.96 -21.69 -14.54
C VAL N 1 -32.33 -21.51 -15.91
N LEU N 2 -31.81 -20.31 -16.17
CA LEU N 2 -31.22 -19.98 -17.46
C LEU N 2 -29.72 -19.73 -17.37
N TYR N 3 -29.28 -18.79 -16.55
CA TYR N 3 -27.85 -18.48 -16.41
C TYR N 3 -27.21 -18.15 -17.76
N VAL N 4 -27.67 -17.05 -18.35
CA VAL N 4 -27.11 -16.53 -19.59
C VAL N 4 -26.27 -15.31 -19.27
N GLY N 5 -25.08 -15.23 -19.84
CA GLY N 5 -24.21 -14.11 -19.55
C GLY N 5 -22.94 -14.15 -20.37
N SER N 6 -22.05 -13.20 -20.08
CA SER N 6 -20.75 -13.12 -20.74
C SER N 6 -19.90 -12.10 -20.02
N LYS N 7 -18.63 -12.43 -19.80
CA LYS N 7 -17.67 -11.50 -19.22
C LYS N 7 -16.47 -11.38 -20.13
N THR N 8 -16.17 -10.17 -20.58
CA THR N 8 -15.08 -9.92 -21.50
C THR N 8 -14.00 -9.07 -20.85
N LYS N 9 -12.90 -8.91 -21.56
CA LYS N 9 -11.77 -8.11 -21.12
C LYS N 9 -11.02 -7.65 -22.36
N GLU N 10 -10.66 -6.36 -22.40
CA GLU N 10 -10.00 -5.78 -23.57
C GLU N 10 -8.91 -4.84 -23.09
N GLY N 11 -7.66 -5.24 -23.22
CA GLY N 11 -6.58 -4.44 -22.71
C GLY N 11 -6.65 -4.33 -21.21
N VAL N 12 -6.51 -5.44 -20.51
CA VAL N 12 -6.70 -5.51 -19.07
C VAL N 12 -5.44 -6.11 -18.46
N VAL N 13 -4.93 -5.48 -17.41
CA VAL N 13 -3.78 -5.98 -16.67
C VAL N 13 -4.22 -6.18 -15.23
N HIS N 14 -4.04 -7.38 -14.71
CA HIS N 14 -4.47 -7.62 -13.34
C HIS N 14 -3.66 -8.75 -12.71
N GLY N 15 -3.13 -8.48 -11.53
CA GLY N 15 -2.36 -9.45 -10.79
C GLY N 15 -0.86 -9.30 -10.84
N VAL N 16 -0.35 -8.09 -11.02
CA VAL N 16 1.09 -7.88 -11.07
C VAL N 16 1.62 -7.70 -9.66
N ALA N 17 2.88 -8.08 -9.47
CA ALA N 17 3.57 -7.87 -8.19
C ALA N 17 5.05 -7.73 -8.50
N THR N 18 5.62 -6.59 -8.16
CA THR N 18 6.96 -6.23 -8.62
C THR N 18 7.81 -5.79 -7.44
N VAL N 19 9.12 -6.01 -7.55
CA VAL N 19 10.08 -5.55 -6.58
C VAL N 19 11.31 -5.05 -7.33
N ALA N 20 11.80 -3.86 -6.98
CA ALA N 20 12.98 -3.28 -7.57
C ALA N 20 13.90 -2.79 -6.46
N GLU N 21 15.15 -3.23 -6.49
CA GLU N 21 16.10 -2.99 -5.41
C GLU N 21 17.39 -2.40 -5.94
N LYS N 22 17.29 -1.36 -6.75
CA LYS N 22 18.48 -0.69 -7.23
C LYS N 22 19.18 0.07 -6.10
N THR N 23 20.45 0.38 -6.32
CA THR N 23 21.25 1.14 -5.38
C THR N 23 21.69 2.48 -5.92
N LYS N 24 21.84 2.62 -7.22
CA LYS N 24 22.23 3.88 -7.83
C LYS N 24 21.69 3.88 -9.25
N GLU N 25 20.58 4.58 -9.46
CA GLU N 25 19.88 4.61 -10.75
C GLU N 25 20.03 6.00 -11.34
N GLN N 26 20.86 6.14 -12.36
CA GLN N 26 21.16 7.41 -12.98
C GLN N 26 20.62 7.43 -14.41
N VAL N 27 20.25 8.62 -14.88
CA VAL N 27 19.80 8.83 -16.24
C VAL N 27 20.34 10.18 -16.70
N THR N 28 21.06 10.19 -17.83
CA THR N 28 21.57 11.42 -18.40
C THR N 28 21.09 11.53 -19.84
N ASN N 29 20.45 12.64 -20.17
CA ASN N 29 19.84 12.83 -21.47
C ASN N 29 20.24 14.19 -22.02
N VAL N 30 20.69 14.21 -23.26
CA VAL N 30 21.05 15.45 -23.95
C VAL N 30 20.37 15.41 -25.32
N GLY N 31 19.26 16.12 -25.47
CA GLY N 31 18.61 16.26 -26.75
C GLY N 31 17.80 15.07 -27.22
N GLY N 32 17.75 13.99 -26.47
CA GLY N 32 17.08 12.78 -26.91
C GLY N 32 15.69 12.66 -26.32
N ALA N 33 15.30 11.41 -26.04
CA ALA N 33 14.04 11.14 -25.35
C ALA N 33 14.17 9.79 -24.67
N VAL N 34 14.17 9.77 -23.35
CA VAL N 34 14.32 8.55 -22.56
C VAL N 34 12.97 8.20 -21.95
N VAL N 35 12.66 6.91 -21.90
CA VAL N 35 11.45 6.40 -21.24
C VAL N 35 11.87 5.21 -20.41
N THR N 36 11.50 5.20 -19.13
CA THR N 36 11.98 4.18 -18.20
C THR N 36 10.87 3.80 -17.24
N GLY N 37 10.90 2.53 -16.83
CA GLY N 37 10.12 2.10 -15.69
C GLY N 37 8.62 2.02 -15.88
N VAL N 38 8.15 1.78 -17.10
CA VAL N 38 6.73 1.59 -17.30
C VAL N 38 6.32 0.22 -16.75
N THR N 39 5.16 0.16 -16.10
CA THR N 39 4.73 -1.08 -15.47
C THR N 39 3.22 -1.07 -15.29
N ALA N 40 2.58 -2.19 -15.62
CA ALA N 40 1.16 -2.41 -15.37
C ALA N 40 0.31 -1.29 -15.99
N VAL N 41 0.35 -1.21 -17.31
CA VAL N 41 -0.36 -0.17 -18.05
C VAL N 41 -1.27 -0.83 -19.07
N ALA N 42 -2.56 -0.48 -19.02
CA ALA N 42 -3.56 -1.03 -19.91
C ALA N 42 -4.27 0.09 -20.64
N GLN N 43 -4.69 -0.20 -21.87
CA GLN N 43 -5.26 0.84 -22.73
C GLN N 43 -6.16 0.18 -23.75
N LYS N 44 -7.12 0.96 -24.26
CA LYS N 44 -7.93 0.57 -25.40
C LYS N 44 -8.21 1.82 -26.22
N THR N 45 -8.07 1.71 -27.54
CA THR N 45 -8.21 2.84 -28.43
C THR N 45 -9.04 2.43 -29.64
N VAL N 46 -9.92 3.32 -30.07
CA VAL N 46 -10.80 3.06 -31.21
C VAL N 46 -10.61 4.18 -32.22
N GLU N 47 -10.17 3.83 -33.42
CA GLU N 47 -9.95 4.79 -34.51
C GLU N 47 -8.91 5.82 -34.11
N GLY N 48 -7.81 5.34 -33.56
CA GLY N 48 -6.69 6.21 -33.23
C GLY N 48 -5.46 5.38 -33.01
N ALA N 49 -4.31 6.02 -33.13
CA ALA N 49 -3.03 5.34 -32.98
C ALA N 49 -2.72 5.18 -31.51
N GLY N 50 -2.89 3.97 -30.98
CA GLY N 50 -2.47 3.69 -29.62
C GLY N 50 -0.98 3.36 -29.58
N SER N 51 -0.33 3.82 -28.52
CA SER N 51 1.12 3.69 -28.43
C SER N 51 1.55 3.90 -26.99
N ILE N 52 2.28 2.93 -26.44
CA ILE N 52 2.69 2.93 -25.05
C ILE N 52 4.22 2.87 -24.99
N ALA N 53 4.82 3.79 -24.25
CA ALA N 53 6.26 3.81 -24.03
C ALA N 53 7.03 3.97 -25.34
N ALA N 54 6.74 5.06 -26.05
CA ALA N 54 7.41 5.38 -27.29
C ALA N 54 8.37 6.54 -27.07
N ALA N 55 9.34 6.67 -27.97
CA ALA N 55 10.34 7.72 -27.85
C ALA N 55 10.79 8.16 -29.23
N THR N 56 11.06 9.46 -29.36
CA THR N 56 11.59 10.01 -30.59
C THR N 56 12.40 11.25 -30.26
N GLY N 57 13.42 11.52 -31.07
CA GLY N 57 14.14 12.76 -31.02
C GLY N 57 14.09 13.48 -32.37
N PHE N 58 14.55 14.72 -32.34
CA PHE N 58 14.86 15.52 -33.54
C PHE N 58 13.84 15.31 -34.64
N VAL N 59 12.58 15.65 -34.37
CA VAL N 59 11.56 15.62 -35.42
C VAL N 59 11.64 16.97 -36.13
N LYS N 60 12.52 17.03 -37.13
CA LYS N 60 12.78 18.26 -37.87
C LYS N 60 12.14 18.15 -39.23
N LYS N 61 10.98 18.79 -39.39
CA LYS N 61 10.21 18.71 -40.63
C LYS N 61 10.78 19.58 -41.75
N ASP N 62 11.86 20.31 -41.48
CA ASP N 62 12.56 21.06 -42.51
C ASP N 62 13.98 21.42 -42.06
N UNK O 1 -38.63 -8.04 -26.67
CA UNK O 1 -39.47 -7.62 -27.78
C UNK O 1 -38.65 -6.96 -28.87
N UNK O 2 -38.09 -5.80 -28.56
CA UNK O 2 -37.20 -5.07 -29.44
C UNK O 2 -35.83 -4.94 -28.78
N UNK O 3 -34.85 -4.44 -29.55
CA UNK O 3 -33.51 -4.27 -29.01
C UNK O 3 -32.85 -3.01 -29.54
N UNK O 4 -31.53 -2.92 -29.43
CA UNK O 4 -30.87 -1.61 -29.42
C UNK O 4 -29.67 -1.67 -30.37
N UNK O 5 -28.80 -0.68 -30.27
CA UNK O 5 -27.57 -0.67 -31.05
C UNK O 5 -26.38 -0.96 -30.17
N VAL P 1 -36.41 -18.30 -12.68
CA VAL P 1 -35.05 -17.82 -12.52
C VAL P 1 -34.41 -17.62 -13.89
N LEU P 2 -33.87 -16.43 -14.13
CA LEU P 2 -33.27 -16.09 -15.41
C LEU P 2 -31.76 -15.86 -15.31
N TYR P 3 -31.32 -14.93 -14.48
CA TYR P 3 -29.90 -14.63 -14.31
C TYR P 3 -29.25 -14.30 -15.67
N VAL P 4 -29.70 -13.19 -16.25
CA VAL P 4 -29.12 -12.67 -17.48
C VAL P 4 -28.27 -11.45 -17.14
N GLY P 5 -27.07 -11.38 -17.71
CA GLY P 5 -26.20 -10.27 -17.39
C GLY P 5 -24.92 -10.31 -18.20
N SER P 6 -24.02 -9.37 -17.90
CA SER P 6 -22.72 -9.30 -18.55
C SER P 6 -21.86 -8.28 -17.81
N LYS P 7 -20.61 -8.63 -17.58
CA LYS P 7 -19.65 -7.70 -16.99
C LYS P 7 -18.43 -7.59 -17.88
N THR P 8 -18.12 -6.38 -18.32
CA THR P 8 -17.02 -6.13 -19.23
C THR P 8 -15.94 -5.29 -18.56
N LYS P 9 -14.83 -5.14 -19.27
CA LYS P 9 -13.70 -4.35 -18.81
C LYS P 9 -12.93 -3.89 -20.04
N GLU P 10 -12.57 -2.60 -20.07
CA GLU P 10 -11.88 -2.02 -21.22
C GLU P 10 -10.80 -1.08 -20.73
N GLY P 11 -9.54 -1.50 -20.86
CA GLY P 11 -8.46 -0.71 -20.33
C GLY P 11 -8.56 -0.60 -18.82
N VAL P 12 -8.43 -1.72 -18.13
CA VAL P 12 -8.62 -1.79 -16.69
C VAL P 12 -7.39 -2.41 -16.08
N VAL P 13 -6.87 -1.79 -15.02
CA VAL P 13 -5.74 -2.29 -14.26
C VAL P 13 -6.19 -2.50 -12.83
N HIS P 14 -6.03 -3.71 -12.31
CA HIS P 14 -6.48 -3.96 -10.95
C HIS P 14 -5.68 -5.09 -10.32
N GLY P 15 -5.16 -4.84 -9.13
CA GLY P 15 -4.41 -5.82 -8.40
C GLY P 15 -2.90 -5.67 -8.43
N VAL P 16 -2.39 -4.48 -8.59
CA VAL P 16 -0.95 -4.27 -8.64
C VAL P 16 -0.43 -4.09 -7.22
N ALA P 17 0.84 -4.49 -7.01
CA ALA P 17 1.51 -4.29 -5.73
C ALA P 17 3.00 -4.16 -6.02
N THR P 18 3.58 -3.02 -5.67
CA THR P 18 4.91 -2.66 -6.10
C THR P 18 5.75 -2.25 -4.91
N VAL P 19 7.06 -2.48 -5.02
CA VAL P 19 8.03 -2.02 -4.03
C VAL P 19 9.26 -1.53 -4.77
N ALA P 20 9.75 -0.35 -4.41
CA ALA P 20 10.95 0.23 -4.99
C ALA P 20 11.85 0.70 -3.86
N GLU P 21 13.10 0.26 -3.88
CA GLU P 21 14.05 0.48 -2.79
C GLU P 21 15.35 1.06 -3.30
N LYS P 22 15.26 2.12 -4.11
CA LYS P 22 16.47 2.78 -4.57
C LYS P 22 17.15 3.52 -3.43
N THR P 23 18.42 3.83 -3.64
CA THR P 23 19.22 4.57 -2.67
C THR P 23 19.69 5.92 -3.21
N LYS P 24 19.84 6.06 -4.51
CA LYS P 24 20.25 7.33 -5.11
C LYS P 24 19.72 7.34 -6.53
N GLU P 25 18.61 8.05 -6.75
CA GLU P 25 17.94 8.09 -8.04
C GLU P 25 18.09 9.49 -8.62
N GLN P 26 18.95 9.62 -9.63
CA GLN P 26 19.24 10.89 -10.24
C GLN P 26 18.74 10.93 -11.68
N VAL P 27 18.37 12.12 -12.14
CA VAL P 27 17.94 12.35 -13.51
C VAL P 27 18.50 13.69 -13.97
N THR P 28 19.21 13.70 -15.08
CA THR P 28 19.75 14.93 -15.64
C THR P 28 19.29 15.05 -17.08
N ASN P 29 18.65 16.16 -17.42
CA ASN P 29 18.07 16.36 -18.72
C ASN P 29 18.46 17.72 -19.26
N VAL P 30 18.93 17.76 -20.50
CA VAL P 30 19.31 19.00 -21.17
C VAL P 30 18.65 18.97 -22.55
N GLY P 31 17.54 19.69 -22.70
CA GLY P 31 16.91 19.84 -23.99
C GLY P 31 16.10 18.65 -24.48
N GLY P 32 16.03 17.57 -23.73
CA GLY P 32 15.35 16.38 -24.19
C GLY P 32 13.95 16.25 -23.61
N ALA P 33 13.56 15.01 -23.34
CA ALA P 33 12.29 14.75 -22.67
C ALA P 33 12.40 13.38 -22.00
N VAL P 34 12.39 13.36 -20.67
CA VAL P 34 12.51 12.13 -19.89
C VAL P 34 11.16 11.79 -19.29
N VAL P 35 10.84 10.50 -19.26
CA VAL P 35 9.63 10.01 -18.62
C VAL P 35 10.02 8.79 -17.78
N THR P 36 9.64 8.78 -16.51
CA THR P 36 10.10 7.76 -15.58
C THR P 36 8.99 7.37 -14.64
N GLY P 37 9.00 6.11 -14.23
CA GLY P 37 8.20 5.67 -13.10
C GLY P 37 6.71 5.61 -13.30
N VAL P 38 6.25 5.37 -14.52
CA VAL P 38 4.82 5.19 -14.75
C VAL P 38 4.41 3.83 -14.22
N THR P 39 3.24 3.77 -13.57
CA THR P 39 2.79 2.53 -12.95
C THR P 39 1.28 2.55 -12.78
N ALA P 40 0.64 1.44 -13.13
CA ALA P 40 -0.79 1.23 -12.89
C ALA P 40 -1.63 2.35 -13.51
N VAL P 41 -1.56 2.45 -14.84
CA VAL P 41 -2.26 3.50 -15.58
C VAL P 41 -3.17 2.84 -16.61
N ALA P 42 -4.45 3.20 -16.57
CA ALA P 42 -5.45 2.66 -17.48
C ALA P 42 -6.14 3.80 -18.21
N GLN P 43 -6.55 3.53 -19.45
CA GLN P 43 -7.10 4.56 -20.29
C GLN P 43 -8.01 3.92 -21.33
N LYS P 44 -8.95 4.71 -21.84
CA LYS P 44 -9.76 4.34 -22.99
C LYS P 44 -10.02 5.59 -23.81
N THR P 45 -9.86 5.49 -25.13
CA THR P 45 -9.99 6.63 -26.02
C THR P 45 -10.80 6.23 -27.24
N VAL P 46 -11.69 7.12 -27.67
CA VAL P 46 -12.55 6.87 -28.83
C VAL P 46 -12.34 7.99 -29.82
N GLU P 47 -11.89 7.65 -31.02
CA GLU P 47 -11.66 8.61 -32.10
C GLU P 47 -10.61 9.64 -31.69
N GLY P 48 -9.51 9.15 -31.13
CA GLY P 48 -8.40 10.01 -30.79
C GLY P 48 -7.17 9.16 -30.56
N ALA P 49 -6.02 9.81 -30.67
CA ALA P 49 -4.75 9.11 -30.50
C ALA P 49 -4.46 8.94 -29.02
N GLY P 50 -4.63 7.73 -28.51
CA GLY P 50 -4.23 7.42 -27.15
C GLY P 50 -2.75 7.09 -27.10
N SER P 51 -2.09 7.54 -26.02
CA SER P 51 -0.66 7.40 -25.92
C SER P 51 -0.23 7.60 -24.48
N ILE P 52 0.48 6.61 -23.93
CA ILE P 52 0.89 6.62 -22.53
C ILE P 52 2.40 6.54 -22.46
N ALA P 53 3.01 7.45 -21.71
CA ALA P 53 4.44 7.46 -21.47
C ALA P 53 5.23 7.62 -22.77
N ALA P 54 4.95 8.72 -23.47
CA ALA P 54 5.64 9.05 -24.71
C ALA P 54 6.61 10.19 -24.46
N ALA P 55 7.58 10.32 -25.36
CA ALA P 55 8.59 11.35 -25.22
C ALA P 55 9.05 11.81 -26.60
N THR P 56 9.34 13.10 -26.71
CA THR P 56 9.88 13.66 -27.94
C THR P 56 10.70 14.89 -27.59
N GLY P 57 11.73 15.16 -28.39
CA GLY P 57 12.46 16.41 -28.33
C GLY P 57 12.42 17.12 -29.67
N PHE P 58 12.89 18.36 -29.63
CA PHE P 58 13.22 19.16 -30.82
C PHE P 58 12.20 18.97 -31.93
N VAL P 59 10.95 19.32 -31.67
CA VAL P 59 9.93 19.30 -32.74
C VAL P 59 10.04 20.65 -33.44
N LYS P 60 10.92 20.71 -34.43
CA LYS P 60 11.21 21.94 -35.16
C LYS P 60 10.57 21.85 -36.54
N LYS P 61 9.42 22.49 -36.70
CA LYS P 61 8.67 22.42 -37.94
C LYS P 61 9.25 23.30 -39.04
N ASP P 62 10.33 24.02 -38.76
CA ASP P 62 11.05 24.77 -39.78
C ASP P 62 12.46 25.11 -39.32
N UNK Q 1 -40.51 -4.06 -24.61
CA UNK Q 1 -41.34 -3.63 -25.73
C UNK Q 1 -40.49 -2.96 -26.81
N UNK Q 2 -39.93 -1.81 -26.48
CA UNK Q 2 -39.02 -1.08 -27.35
C UNK Q 2 -37.66 -0.96 -26.67
N UNK Q 3 -36.68 -0.47 -27.43
CA UNK Q 3 -35.34 -0.31 -26.88
C UNK Q 3 -34.66 0.95 -27.40
N UNK Q 4 -33.34 1.03 -27.27
CA UNK Q 4 -32.68 2.33 -27.25
C UNK Q 4 -31.47 2.27 -28.19
N UNK Q 5 -30.59 3.26 -28.07
CA UNK Q 5 -29.36 3.26 -28.85
C UNK Q 5 -28.17 2.96 -27.96
N VAL R 1 -38.49 -14.41 -10.65
CA VAL R 1 -37.13 -13.94 -10.48
C VAL R 1 -36.46 -13.74 -11.84
N LEU R 2 -35.92 -12.55 -12.07
CA LEU R 2 -35.30 -12.21 -13.34
C LEU R 2 -33.80 -11.99 -13.23
N TYR R 3 -33.36 -11.06 -12.39
CA TYR R 3 -31.94 -10.77 -12.20
C TYR R 3 -31.27 -10.44 -13.55
N VAL R 4 -31.70 -9.32 -14.13
CA VAL R 4 -31.11 -8.80 -15.36
C VAL R 4 -30.26 -7.59 -15.00
N GLY R 5 -29.05 -7.53 -15.55
CA GLY R 5 -28.18 -6.42 -15.23
C GLY R 5 -26.90 -6.47 -16.02
N SER R 6 -25.99 -5.54 -15.70
CA SER R 6 -24.68 -5.47 -16.35
C SER R 6 -23.83 -4.46 -15.59
N LYS R 7 -22.57 -4.82 -15.35
CA LYS R 7 -21.61 -3.90 -14.74
C LYS R 7 -20.38 -3.80 -15.62
N THR R 8 -20.06 -2.58 -16.05
CA THR R 8 -18.95 -2.34 -16.95
C THR R 8 -17.88 -1.51 -16.27
N LYS R 9 -16.75 -1.36 -16.96
CA LYS R 9 -15.62 -0.58 -16.48
C LYS R 9 -14.84 -0.11 -17.71
N GLU R 10 -14.47 1.17 -17.73
CA GLU R 10 -13.77 1.75 -18.87
C GLU R 10 -12.68 2.68 -18.36
N GLY R 11 -11.43 2.25 -18.48
CA GLY R 11 -10.35 3.03 -17.93
C GLY R 11 -10.45 3.14 -16.43
N VAL R 12 -10.35 2.01 -15.75
CA VAL R 12 -10.55 1.93 -14.31
C VAL R 12 -9.32 1.30 -13.68
N VAL R 13 -8.82 1.91 -12.62
CA VAL R 13 -7.70 1.39 -11.86
C VAL R 13 -8.16 1.18 -10.42
N HIS R 14 -8.02 -0.03 -9.91
CA HIS R 14 -8.47 -0.28 -8.56
C HIS R 14 -7.69 -1.42 -7.92
N GLY R 15 -7.18 -1.18 -6.73
CA GLY R 15 -6.44 -2.17 -6.00
C GLY R 15 -4.94 -2.03 -6.01
N VAL R 16 -4.41 -0.83 -6.17
CA VAL R 16 -2.97 -0.63 -6.19
C VAL R 16 -2.46 -0.48 -4.76
N ALA R 17 -1.21 -0.88 -4.55
CA ALA R 17 -0.54 -0.71 -3.26
C ALA R 17 0.94 -0.58 -3.54
N THR R 18 1.53 0.56 -3.17
CA THR R 18 2.87 0.90 -3.60
C THR R 18 3.70 1.31 -2.39
N VAL R 19 5.01 1.08 -2.49
CA VAL R 19 5.97 1.52 -1.48
C VAL R 19 7.22 2.00 -2.22
N ALA R 20 7.71 3.18 -1.83
CA ALA R 20 8.92 3.76 -2.40
C ALA R 20 9.82 4.21 -1.27
N GLU R 21 11.06 3.76 -1.27
CA GLU R 21 12.00 3.98 -0.16
C GLU R 21 13.32 4.54 -0.68
N LYS R 22 13.24 5.61 -1.47
CA LYS R 22 14.45 6.27 -1.92
C LYS R 22 15.12 7.00 -0.77
N THR R 23 16.40 7.30 -0.96
CA THR R 23 17.21 8.03 0.01
C THR R 23 17.67 9.37 -0.51
N LYS R 24 17.84 9.52 -1.82
CA LYS R 24 18.27 10.79 -2.39
C LYS R 24 17.75 10.82 -3.82
N GLU R 25 16.66 11.52 -4.05
CA GLU R 25 16.00 11.58 -5.35
C GLU R 25 16.16 12.98 -5.91
N GLN R 26 17.02 13.11 -6.91
CA GLN R 26 17.34 14.40 -7.51
C GLN R 26 16.84 14.44 -8.95
N VAL R 27 16.49 15.64 -9.42
CA VAL R 27 16.08 15.87 -10.80
C VAL R 27 16.64 17.21 -11.23
N THR R 28 17.37 17.23 -12.33
CA THR R 28 17.93 18.45 -12.89
C THR R 28 17.48 18.58 -14.33
N ASN R 29 16.85 19.70 -14.67
CA ASN R 29 16.27 19.91 -15.98
C ASN R 29 16.69 21.27 -16.50
N VAL R 30 17.18 21.32 -17.73
CA VAL R 30 17.56 22.56 -18.40
C VAL R 30 16.92 22.54 -19.78
N GLY R 31 15.82 23.27 -19.95
CA GLY R 31 15.20 23.43 -21.24
C GLY R 31 14.39 22.26 -21.74
N GLY R 32 14.30 21.16 -21.00
CA GLY R 32 13.61 19.98 -21.47
C GLY R 32 12.22 19.86 -20.90
N ALA R 33 11.80 18.62 -20.64
CA ALA R 33 10.53 18.36 -19.98
C ALA R 33 10.62 16.99 -19.32
N VAL R 34 10.60 16.96 -18.00
CA VAL R 34 10.71 15.74 -17.22
C VAL R 34 9.34 15.39 -16.64
N VAL R 35 9.02 14.11 -16.61
CA VAL R 35 7.80 13.62 -15.98
C VAL R 35 8.17 12.40 -15.15
N THR R 36 7.78 12.38 -13.89
CA THR R 36 8.23 11.35 -12.96
C THR R 36 7.10 10.96 -12.02
N GLY R 37 7.10 9.70 -11.63
CA GLY R 37 6.29 9.27 -10.51
C GLY R 37 4.80 9.21 -10.73
N VAL R 38 4.34 8.99 -11.96
CA VAL R 38 2.92 8.82 -12.19
C VAL R 38 2.48 7.45 -11.67
N THR R 39 1.32 7.40 -11.03
CA THR R 39 0.85 6.15 -10.43
C THR R 39 -0.65 6.19 -10.28
N ALA R 40 -1.31 5.08 -10.63
CA ALA R 40 -2.73 4.88 -10.42
C ALA R 40 -3.55 6.01 -11.05
N VAL R 41 -3.49 6.12 -12.37
CA VAL R 41 -4.16 7.18 -13.10
C VAL R 41 -5.07 6.53 -14.14
N ALA R 42 -6.35 6.90 -14.11
CA ALA R 42 -7.34 6.37 -15.04
C ALA R 42 -8.02 7.52 -15.77
N GLN R 43 -8.42 7.25 -17.01
CA GLN R 43 -8.96 8.30 -17.86
C GLN R 43 -9.85 7.67 -18.91
N LYS R 44 -10.78 8.47 -19.43
CA LYS R 44 -11.58 8.10 -20.58
C LYS R 44 -11.83 9.36 -21.39
N THR R 45 -11.65 9.26 -22.72
CA THR R 45 -11.77 10.41 -23.60
C THR R 45 -12.58 10.02 -24.82
N VAL R 46 -13.45 10.93 -25.27
CA VAL R 46 -14.29 10.68 -26.43
C VAL R 46 -14.08 11.82 -27.42
N GLU R 47 -13.62 11.48 -28.62
CA GLU R 47 -13.36 12.45 -29.68
C GLU R 47 -12.32 13.47 -29.25
N GLY R 48 -11.23 12.97 -28.69
CA GLY R 48 -10.11 13.81 -28.32
C GLY R 48 -8.89 12.96 -28.09
N ALA R 49 -7.73 13.59 -28.19
CA ALA R 49 -6.47 12.87 -28.02
C ALA R 49 -6.19 12.71 -26.53
N GLY R 50 -6.38 11.48 -26.04
CA GLY R 50 -5.99 11.18 -24.67
C GLY R 50 -4.51 10.84 -24.60
N SER R 51 -3.87 11.27 -23.52
CA SER R 51 -2.43 11.12 -23.40
C SER R 51 -2.02 11.31 -21.96
N ILE R 52 -1.32 10.32 -21.40
CA ILE R 52 -0.93 10.31 -20.00
C ILE R 52 0.58 10.22 -19.92
N ALA R 53 1.19 11.13 -19.16
CA ALA R 53 2.62 11.13 -18.90
C ALA R 53 3.42 11.29 -20.20
N ALA R 54 3.16 12.38 -20.89
CA ALA R 54 3.86 12.72 -22.12
C ALA R 54 4.83 13.85 -21.86
N ALA R 55 5.82 13.99 -22.75
CA ALA R 55 6.83 15.01 -22.59
C ALA R 55 7.31 15.47 -23.96
N THR R 56 7.60 16.76 -24.07
CA THR R 56 8.16 17.33 -25.28
C THR R 56 8.98 18.54 -24.92
N GLY R 57 10.02 18.81 -25.71
CA GLY R 57 10.76 20.05 -25.63
C GLY R 57 10.74 20.78 -26.97
N PHE R 58 11.22 22.01 -26.93
CA PHE R 58 11.57 22.82 -28.10
C PHE R 58 10.57 22.64 -29.23
N VAL R 59 9.31 22.99 -28.98
CA VAL R 59 8.30 22.99 -30.05
C VAL R 59 8.42 24.33 -30.75
N LYS R 60 9.31 24.40 -31.72
CA LYS R 60 9.62 25.63 -32.44
C LYS R 60 8.99 25.55 -33.82
N LYS R 61 7.85 26.20 -34.00
CA LYS R 61 7.10 26.15 -35.25
C LYS R 61 7.71 27.02 -36.34
N ASP R 62 8.79 27.74 -36.05
CA ASP R 62 9.53 28.50 -37.05
C ASP R 62 10.94 28.82 -36.57
N UNK S 1 -42.37 -0.05 -22.53
CA UNK S 1 -43.19 0.40 -23.65
C UNK S 1 -42.33 1.06 -24.73
N UNK S 2 -41.77 2.20 -24.38
CA UNK S 2 -40.85 2.93 -25.24
C UNK S 2 -39.49 3.03 -24.55
N UNK S 3 -38.50 3.53 -25.29
CA UNK S 3 -37.17 3.67 -24.73
C UNK S 3 -36.48 4.94 -25.23
N UNK S 4 -35.15 5.01 -25.09
CA UNK S 4 -34.48 6.30 -25.06
C UNK S 4 -33.26 6.25 -25.99
N UNK S 5 -32.38 7.22 -25.86
CA UNK S 5 -31.14 7.23 -26.62
C UNK S 5 -29.96 6.90 -25.72
N VAL T 1 -40.57 -10.50 -8.61
CA VAL T 1 -39.20 -10.03 -8.42
C VAL T 1 -38.53 -9.83 -9.78
N LEU T 2 -37.98 -8.64 -10.00
CA LEU T 2 -37.33 -8.30 -11.26
C LEU T 2 -35.84 -8.09 -11.13
N TYR T 3 -35.40 -7.17 -10.28
CA TYR T 3 -33.97 -6.89 -10.09
C TYR T 3 -33.30 -6.55 -11.42
N VAL T 4 -33.71 -5.44 -12.00
CA VAL T 4 -33.11 -4.91 -13.22
C VAL T 4 -32.24 -3.71 -12.84
N GLY T 5 -31.03 -3.65 -13.39
CA GLY T 5 -30.15 -2.55 -13.05
C GLY T 5 -28.86 -2.60 -13.83
N SER T 6 -27.96 -1.69 -13.50
CA SER T 6 -26.64 -1.62 -14.12
C SER T 6 -25.79 -0.63 -13.36
N LYS T 7 -24.54 -0.99 -13.11
CA LYS T 7 -23.58 -0.08 -12.48
C LYS T 7 -22.34 0.02 -13.36
N THR T 8 -22.01 1.24 -13.78
CA THR T 8 -20.88 1.48 -14.66
C THR T 8 -19.81 2.29 -13.96
N LYS T 9 -18.68 2.44 -14.64
CA LYS T 9 -17.54 3.21 -14.15
C LYS T 9 -16.75 3.68 -15.36
N GLU T 10 -16.38 4.96 -15.38
CA GLU T 10 -15.66 5.54 -16.51
C GLU T 10 -14.57 6.46 -15.98
N GLY T 11 -13.32 6.02 -16.09
CA GLY T 11 -12.23 6.80 -15.54
C GLY T 11 -12.37 6.89 -14.03
N VAL T 12 -12.27 5.76 -13.35
CA VAL T 12 -12.48 5.67 -11.91
C VAL T 12 -11.26 5.03 -11.28
N VAL T 13 -10.76 5.64 -10.21
CA VAL T 13 -9.66 5.09 -9.43
C VAL T 13 -10.14 4.89 -8.01
N HIS T 14 -10.01 3.67 -7.50
CA HIS T 14 -10.48 3.41 -6.15
C HIS T 14 -9.70 2.27 -5.52
N GLY T 15 -9.21 2.50 -4.33
CA GLY T 15 -8.48 1.49 -3.59
C GLY T 15 -6.98 1.62 -3.58
N VAL T 16 -6.44 2.82 -3.74
CA VAL T 16 -5.00 3.01 -3.73
C VAL T 16 -4.50 3.15 -2.30
N ALA T 17 -3.25 2.75 -2.08
CA ALA T 17 -2.60 2.91 -0.79
C ALA T 17 -1.11 3.03 -1.05
N THR T 18 -0.52 4.16 -0.67
CA THR T 18 0.83 4.50 -1.08
C THR T 18 1.66 4.89 0.13
N VAL T 19 2.96 4.65 0.05
CA VAL T 19 3.92 5.07 1.06
C VAL T 19 5.17 5.56 0.35
N ALA T 20 5.67 6.73 0.74
CA ALA T 20 6.89 7.30 0.18
C ALA T 20 7.78 7.74 1.34
N GLU T 21 9.02 7.28 1.33
CA GLU T 21 9.94 7.48 2.45
C GLU T 21 11.27 8.05 1.97
N LYS T 22 11.21 9.11 1.18
CA LYS T 22 12.43 9.77 0.74
C LYS T 22 13.10 10.49 1.90
N THR T 23 14.38 10.78 1.73
CA THR T 23 15.17 11.50 2.71
C THR T 23 15.66 12.84 2.20
N LYS T 24 15.84 13.00 0.90
CA LYS T 24 16.28 14.26 0.32
C LYS T 24 15.77 14.30 -1.11
N GLU T 25 14.69 15.03 -1.34
CA GLU T 25 14.03 15.09 -2.64
C GLU T 25 14.22 16.49 -3.21
N GLN T 26 15.10 16.62 -4.19
CA GLN T 26 15.43 17.90 -4.78
C GLN T 26 14.94 17.96 -6.23
N VAL T 27 14.60 19.16 -6.69
CA VAL T 27 14.21 19.41 -8.06
C VAL T 27 14.78 20.75 -8.48
N THR T 28 15.53 20.77 -9.59
CA THR T 28 16.09 21.99 -10.12
C THR T 28 15.65 22.13 -11.57
N ASN T 29 15.05 23.26 -11.90
CA ASN T 29 14.48 23.49 -13.22
C ASN T 29 14.91 24.84 -13.73
N VAL T 30 15.41 24.89 -14.97
CA VAL T 30 15.80 26.13 -15.62
C VAL T 30 15.17 26.12 -17.00
N GLY T 31 14.09 26.86 -17.17
CA GLY T 31 13.47 27.04 -18.47
C GLY T 31 12.65 25.87 -18.99
N GLY T 32 12.56 24.78 -18.26
CA GLY T 32 11.87 23.60 -18.75
C GLY T 32 10.47 23.48 -18.18
N ALA T 33 10.05 22.25 -17.93
CA ALA T 33 8.76 21.99 -17.29
C ALA T 33 8.84 20.62 -16.64
N VAL T 34 8.80 20.59 -15.31
CA VAL T 34 8.90 19.34 -14.55
C VAL T 34 7.53 19.02 -13.97
N VAL T 35 7.19 17.74 -13.96
CA VAL T 35 5.97 17.24 -13.35
C VAL T 35 6.32 16.01 -12.52
N THR T 36 5.91 16.00 -11.25
CA THR T 36 6.34 14.97 -10.34
C THR T 36 5.20 14.57 -9.41
N GLY T 37 5.19 13.31 -9.02
CA GLY T 37 4.37 12.86 -7.91
C GLY T 37 2.88 12.83 -8.14
N VAL T 38 2.43 12.61 -9.38
CA VAL T 38 1.01 12.45 -9.63
C VAL T 38 0.57 11.09 -9.12
N THR T 39 -0.61 11.04 -8.50
CA THR T 39 -1.09 9.80 -7.91
C THR T 39 -2.60 9.84 -7.76
N ALA T 40 -3.26 8.74 -8.13
CA ALA T 40 -4.69 8.55 -7.94
C ALA T 40 -5.49 9.68 -8.55
N VAL T 41 -5.41 9.80 -9.88
CA VAL T 41 -6.08 10.87 -10.62
C VAL T 41 -6.97 10.24 -11.67
N ALA T 42 -8.25 10.62 -11.65
CA ALA T 42 -9.23 10.10 -12.58
C ALA T 42 -9.90 11.25 -13.31
N GLN T 43 -10.29 10.99 -14.56
CA GLN T 43 -10.82 12.05 -15.41
C GLN T 43 -11.70 11.43 -16.47
N LYS T 44 -12.62 12.24 -16.99
CA LYS T 44 -13.42 11.89 -18.16
C LYS T 44 -13.65 13.15 -18.97
N THR T 45 -13.46 13.07 -20.29
CA THR T 45 -13.56 14.21 -21.17
C THR T 45 -14.35 13.84 -22.40
N VAL T 46 -15.21 14.75 -22.84
CA VAL T 46 -16.06 14.53 -24.01
C VAL T 46 -15.81 15.66 -24.99
N GLU T 47 -15.36 15.32 -26.19
CA GLU T 47 -15.08 16.29 -27.25
C GLU T 47 -14.02 17.30 -26.81
N GLY T 48 -12.95 16.79 -26.24
CA GLY T 48 -11.83 17.62 -25.85
C GLY T 48 -10.61 16.77 -25.62
N ALA T 49 -9.45 17.39 -25.69
CA ALA T 49 -8.20 16.67 -25.52
C ALA T 49 -7.93 16.49 -24.03
N GLY T 50 -8.14 15.27 -23.54
CA GLY T 50 -7.77 14.95 -22.18
C GLY T 50 -6.29 14.59 -22.10
N SER T 51 -5.66 15.02 -21.01
CA SER T 51 -4.21 14.87 -20.88
C SER T 51 -3.82 15.03 -19.42
N ILE T 52 -3.13 14.04 -18.88
CA ILE T 52 -2.76 14.02 -17.46
C ILE T 52 -1.24 13.91 -17.37
N ALA T 53 -0.64 14.82 -16.60
CA ALA T 53 0.80 14.81 -16.33
C ALA T 53 1.61 14.97 -17.62
N ALA T 54 1.35 16.07 -18.31
CA ALA T 54 2.08 16.41 -19.52
C ALA T 54 3.05 17.54 -19.26
N ALA T 55 4.05 17.67 -20.13
CA ALA T 55 5.07 18.69 -19.96
C ALA T 55 5.55 19.14 -21.32
N THR T 56 5.87 20.43 -21.42
CA THR T 56 6.44 21.00 -22.62
C THR T 56 7.26 22.22 -22.25
N GLY T 57 8.31 22.48 -23.02
CA GLY T 57 9.06 23.71 -22.93
C GLY T 57 9.06 24.45 -24.26
N PHE T 58 9.54 25.68 -24.21
CA PHE T 58 9.91 26.49 -25.38
C PHE T 58 8.91 26.32 -26.52
N VAL T 59 7.66 26.69 -26.27
CA VAL T 59 6.66 26.69 -27.35
C VAL T 59 6.80 28.04 -28.04
N LYS T 60 7.70 28.11 -29.01
CA LYS T 60 8.02 29.34 -29.72
C LYS T 60 7.41 29.27 -31.10
N LYS T 61 6.26 29.93 -31.29
CA LYS T 61 5.53 29.90 -32.55
C LYS T 61 6.16 30.77 -33.62
N ASP T 62 7.24 31.48 -33.32
CA ASP T 62 7.99 32.23 -34.31
C ASP T 62 9.40 32.55 -33.82
N UNK U 1 -44.23 3.93 -20.48
CA UNK U 1 -45.04 4.39 -21.61
C UNK U 1 -44.17 5.05 -22.66
N UNK U 2 -43.59 6.20 -22.31
CA UNK U 2 -42.66 6.93 -23.16
C UNK U 2 -41.30 7.01 -22.46
N UNK U 3 -40.31 7.50 -23.18
CA UNK U 3 -38.97 7.64 -22.60
C UNK U 3 -38.27 8.90 -23.09
N UNK U 4 -36.95 8.95 -22.93
CA UNK U 4 -36.26 10.24 -22.89
C UNK U 4 -35.04 10.18 -23.80
N UNK U 5 -34.15 11.16 -23.67
CA UNK U 5 -32.90 11.15 -24.41
C UNK U 5 -31.73 10.83 -23.50
N VAL V 1 -42.64 -6.60 -6.61
CA VAL V 1 -41.27 -6.15 -6.40
C VAL V 1 -40.58 -5.95 -7.75
N LEU V 2 -40.01 -4.76 -7.95
CA LEU V 2 -39.36 -4.42 -9.21
C LEU V 2 -37.86 -4.21 -9.06
N TYR V 3 -37.43 -3.31 -8.20
CA TYR V 3 -36.01 -3.04 -7.99
C TYR V 3 -35.31 -2.70 -9.32
N VAL V 4 -35.71 -1.57 -9.90
CA VAL V 4 -35.09 -1.03 -11.10
C VAL V 4 -34.23 0.15 -10.71
N GLY V 5 -33.00 0.20 -11.24
CA GLY V 5 -32.12 1.29 -10.89
C GLY V 5 -30.82 1.24 -11.66
N SER V 6 -29.92 2.14 -11.31
CA SER V 6 -28.60 2.21 -11.92
C SER V 6 -27.74 3.20 -11.15
N LYS V 7 -26.50 2.82 -10.89
CA LYS V 7 -25.54 3.72 -10.24
C LYS V 7 -24.29 3.82 -11.11
N THR V 8 -23.94 5.03 -11.51
CA THR V 8 -22.81 5.27 -12.38
C THR V 8 -21.74 6.07 -11.67
N LYS V 9 -20.60 6.22 -12.34
CA LYS V 9 -19.47 6.97 -11.83
C LYS V 9 -18.66 7.44 -13.03
N GLU V 10 -18.27 8.72 -13.03
CA GLU V 10 -17.54 9.31 -14.16
C GLU V 10 -16.45 10.21 -13.61
N GLY V 11 -15.20 9.77 -13.71
CA GLY V 11 -14.12 10.53 -13.14
C GLY V 11 -14.26 10.62 -11.63
N VAL V 12 -14.18 9.48 -10.96
CA VAL V 12 -14.41 9.39 -9.52
C VAL V 12 -13.20 8.73 -8.88
N VAL V 13 -12.71 9.33 -7.81
CA VAL V 13 -11.61 8.78 -7.02
C VAL V 13 -12.11 8.57 -5.60
N HIS V 14 -11.99 7.34 -5.10
CA HIS V 14 -12.49 7.08 -3.76
C HIS V 14 -11.72 5.92 -3.13
N GLY V 15 -11.23 6.15 -1.92
CA GLY V 15 -10.52 5.13 -1.18
C GLY V 15 -9.02 5.25 -1.16
N VAL V 16 -8.47 6.44 -1.30
CA VAL V 16 -7.02 6.63 -1.29
C VAL V 16 -6.54 6.75 0.15
N ALA V 17 -5.30 6.34 0.38
CA ALA V 17 -4.65 6.49 1.68
C ALA V 17 -3.16 6.60 1.44
N THR V 18 -2.57 7.72 1.83
CA THR V 18 -1.21 8.06 1.43
C THR V 18 -0.40 8.43 2.66
N VAL V 19 0.90 8.18 2.59
CA VAL V 19 1.86 8.60 3.61
C VAL V 19 3.12 9.07 2.92
N ALA V 20 3.62 10.24 3.31
CA ALA V 20 4.85 10.80 2.78
C ALA V 20 5.73 11.24 3.93
N GLU V 21 6.98 10.77 3.95
CA GLU V 21 7.89 10.95 5.07
C GLU V 21 9.22 11.52 4.60
N LYS V 22 9.17 12.59 3.82
CA LYS V 22 10.40 13.23 3.40
C LYS V 22 11.07 13.95 4.57
N THR V 23 12.35 14.22 4.41
CA THR V 23 13.14 14.94 5.40
C THR V 23 13.65 16.28 4.91
N LYS V 24 13.85 16.44 3.60
CA LYS V 24 14.29 17.70 3.05
C LYS V 24 13.80 17.75 1.61
N GLU V 25 12.73 18.49 1.38
CA GLU V 25 12.08 18.57 0.06
C GLU V 25 12.29 19.97 -0.49
N GLN V 26 13.17 20.10 -1.46
CA GLN V 26 13.51 21.38 -2.05
C GLN V 26 13.04 21.44 -3.49
N VAL V 27 12.72 22.65 -3.95
CA VAL V 27 12.34 22.92 -5.33
C VAL V 27 12.93 24.25 -5.74
N THR V 28 13.68 24.27 -6.83
CA THR V 28 14.26 25.50 -7.36
C THR V 28 13.84 25.64 -8.81
N ASN V 29 13.24 26.78 -9.14
CA ASN V 29 12.69 27.01 -10.46
C ASN V 29 13.14 28.37 -10.96
N VAL V 30 13.64 28.42 -12.18
CA VAL V 30 14.06 29.66 -12.83
C VAL V 30 13.44 29.66 -14.22
N GLY V 31 12.36 30.42 -14.39
CA GLY V 31 11.76 30.60 -15.70
C GLY V 31 10.95 29.44 -16.24
N GLY V 32 10.83 28.35 -15.51
CA GLY V 32 10.13 27.18 -16.01
C GLY V 32 8.73 27.07 -15.47
N ALA V 33 8.30 25.83 -15.23
CA ALA V 33 7.00 25.58 -14.59
C ALA V 33 7.07 24.21 -13.95
N VAL V 34 7.02 24.17 -12.62
CA VAL V 34 7.09 22.92 -11.87
C VAL V 34 5.71 22.59 -11.31
N VAL V 35 5.36 21.32 -11.30
CA VAL V 35 4.13 20.83 -10.71
C VAL V 35 4.47 19.60 -9.89
N THR V 36 4.06 19.59 -8.63
CA THR V 36 4.47 18.53 -7.71
C THR V 36 3.31 18.15 -6.80
N GLY V 37 3.29 16.88 -6.41
CA GLY V 37 2.46 16.44 -5.31
C GLY V 37 0.97 16.41 -5.57
N VAL V 38 0.53 16.21 -6.80
CA VAL V 38 -0.89 16.06 -7.07
C VAL V 38 -1.35 14.69 -6.57
N THR V 39 -2.53 14.65 -5.96
CA THR V 39 -3.02 13.40 -5.38
C THR V 39 -4.53 13.46 -5.26
N ALA V 40 -5.20 12.37 -5.64
CA ALA V 40 -6.63 12.19 -5.46
C ALA V 40 -7.43 13.33 -6.08
N VAL V 41 -7.33 13.45 -7.40
CA VAL V 41 -7.97 14.52 -8.14
C VAL V 41 -8.87 13.91 -9.20
N ALA V 42 -10.14 14.30 -9.20
CA ALA V 42 -11.12 13.79 -10.14
C ALA V 42 -11.77 14.95 -10.87
N GLN V 43 -12.15 14.71 -12.12
CA GLN V 43 -12.66 15.76 -12.97
C GLN V 43 -13.55 15.17 -14.05
N LYS V 44 -14.45 15.99 -14.57
CA LYS V 44 -15.23 15.65 -15.75
C LYS V 44 -15.45 16.92 -16.56
N THR V 45 -15.25 16.83 -17.87
CA THR V 45 -15.33 17.99 -18.74
C THR V 45 -16.11 17.63 -19.98
N VAL V 46 -16.96 18.55 -20.43
CA VAL V 46 -17.79 18.33 -21.61
C VAL V 46 -17.54 19.48 -22.59
N GLU V 47 -17.07 19.13 -23.78
CA GLU V 47 -16.78 20.11 -24.83
C GLU V 47 -15.72 21.12 -24.37
N GLY V 48 -14.65 20.60 -23.79
CA GLY V 48 -13.53 21.42 -23.39
C GLY V 48 -12.32 20.54 -23.15
N ALA V 49 -11.15 21.17 -23.21
CA ALA V 49 -9.91 20.43 -23.03
C ALA V 49 -9.66 20.24 -21.55
N GLY V 50 -9.88 19.02 -21.06
CA GLY V 50 -9.52 18.69 -19.69
C GLY V 50 -8.05 18.32 -19.60
N SER V 51 -7.43 18.74 -18.50
CA SER V 51 -5.98 18.56 -18.36
C SER V 51 -5.61 18.73 -16.90
N ILE V 52 -4.93 17.73 -16.35
CA ILE V 52 -4.57 17.70 -14.93
C ILE V 52 -3.05 17.58 -14.83
N ALA V 53 -2.45 18.46 -14.03
CA ALA V 53 -1.02 18.46 -13.76
C ALA V 53 -0.20 18.61 -15.04
N ALA V 54 -0.43 19.72 -15.72
CA ALA V 54 0.30 20.06 -16.94
C ALA V 54 1.28 21.18 -16.64
N ALA V 55 2.29 21.30 -17.50
CA ALA V 55 3.31 22.32 -17.32
C ALA V 55 3.82 22.79 -18.67
N THR V 56 4.14 24.08 -18.76
CA THR V 56 4.73 24.64 -19.96
C THR V 56 5.55 25.85 -19.56
N GLY V 57 6.62 26.10 -20.33
CA GLY V 57 7.37 27.33 -20.23
C GLY V 57 7.39 28.08 -21.56
N PHE V 58 7.89 29.30 -21.48
CA PHE V 58 8.26 30.12 -22.64
C PHE V 58 7.28 29.97 -23.79
N VAL V 59 6.03 30.33 -23.56
CA VAL V 59 5.04 30.35 -24.66
C VAL V 59 5.19 31.71 -25.32
N LYS V 60 6.10 31.77 -26.29
CA LYS V 60 6.44 33.01 -26.99
C LYS V 60 5.84 32.95 -28.38
N LYS V 61 4.71 33.62 -28.56
CA LYS V 61 3.99 33.60 -29.83
C LYS V 61 4.62 34.47 -30.90
N ASP V 62 5.70 35.17 -30.57
CA ASP V 62 6.48 35.92 -31.56
C ASP V 62 7.88 36.24 -31.06
N UNK W 1 -46.08 7.92 -18.41
CA UNK W 1 -46.87 8.39 -19.54
C UNK W 1 -45.99 9.05 -20.58
N UNK W 2 -45.41 10.19 -20.22
CA UNK W 2 -44.46 10.92 -21.05
C UNK W 2 -43.11 10.99 -20.34
N UNK W 3 -42.10 11.48 -21.04
CA UNK W 3 -40.78 11.60 -20.45
C UNK W 3 -40.06 12.86 -20.93
N UNK W 4 -38.74 12.91 -20.76
CA UNK W 4 -38.05 14.19 -20.71
C UNK W 4 -36.82 14.13 -21.61
N UNK W 5 -35.92 15.09 -21.46
CA UNK W 5 -34.67 15.08 -22.18
C UNK W 5 -33.51 14.74 -21.26
N VAL X 1 -44.69 -2.70 -4.58
CA VAL X 1 -43.33 -2.26 -4.36
C VAL X 1 -42.63 -2.06 -5.70
N LEU X 2 -42.05 -0.87 -5.89
CA LEU X 2 -41.38 -0.52 -7.13
C LEU X 2 -39.88 -0.33 -6.97
N TYR X 3 -39.45 0.56 -6.10
CA TYR X 3 -38.02 0.83 -5.88
C TYR X 3 -37.31 1.17 -7.19
N VAL X 4 -37.70 2.30 -7.77
CA VAL X 4 -37.07 2.84 -8.97
C VAL X 4 -36.19 4.01 -8.56
N GLY X 5 -34.97 4.06 -9.08
CA GLY X 5 -34.09 5.14 -8.71
C GLY X 5 -32.78 5.08 -9.47
N SER X 6 -31.87 5.99 -9.11
CA SER X 6 -30.54 6.04 -9.71
C SER X 6 -29.69 7.01 -8.91
N LYS X 7 -28.45 6.63 -8.64
CA LYS X 7 -27.49 7.52 -7.99
C LYS X 7 -26.23 7.61 -8.83
N THR X 8 -25.87 8.83 -9.23
CA THR X 8 -24.74 9.07 -10.10
C THR X 8 -23.66 9.86 -9.36
N LYS X 9 -22.52 10.00 -10.02
CA LYS X 9 -21.38 10.75 -9.50
C LYS X 9 -20.55 11.22 -10.69
N GLU X 10 -20.16 12.49 -10.68
CA GLU X 10 -19.42 13.07 -11.79
C GLU X 10 -18.32 13.97 -11.23
N GLY X 11 -17.08 13.52 -11.32
CA GLY X 11 -15.99 14.27 -10.73
C GLY X 11 -16.15 14.35 -9.24
N VAL X 12 -16.09 13.21 -8.56
CA VAL X 12 -16.33 13.11 -7.13
C VAL X 12 -15.14 12.44 -6.48
N VAL X 13 -14.64 13.03 -5.39
CA VAL X 13 -13.56 12.47 -4.61
C VAL X 13 -14.07 12.25 -3.19
N HIS X 14 -13.96 11.03 -2.70
CA HIS X 14 -14.48 10.76 -1.36
C HIS X 14 -13.73 9.59 -0.73
N GLY X 15 -13.24 9.81 0.48
CA GLY X 15 -12.55 8.78 1.22
C GLY X 15 -11.05 8.88 1.26
N VAL X 16 -10.49 10.07 1.13
CA VAL X 16 -9.04 10.25 1.16
C VAL X 16 -8.57 10.36 2.60
N ALA X 17 -7.33 9.94 2.84
CA ALA X 17 -6.70 10.08 4.15
C ALA X 17 -5.21 10.18 3.93
N THR X 18 -4.62 11.30 4.32
CA THR X 18 -3.25 11.63 3.95
C THR X 18 -2.45 11.99 5.18
N VAL X 19 -1.14 11.73 5.12
CA VAL X 19 -0.20 12.14 6.15
C VAL X 19 1.07 12.61 5.47
N ALA X 20 1.58 13.77 5.88
CA ALA X 20 2.82 14.33 5.36
C ALA X 20 3.69 14.75 6.54
N GLU X 21 4.93 14.27 6.56
CA GLU X 21 5.83 14.44 7.69
C GLU X 21 7.17 14.99 7.23
N LYS X 22 7.14 16.06 6.46
CA LYS X 22 8.37 16.72 6.05
C LYS X 22 9.04 17.41 7.24
N THR X 23 10.32 17.68 7.09
CA THR X 23 11.11 18.38 8.09
C THR X 23 11.62 19.73 7.61
N LYS X 24 11.84 19.89 6.31
CA LYS X 24 12.30 21.16 5.76
C LYS X 24 11.83 21.22 4.32
N GLU X 25 10.76 21.96 4.08
CA GLU X 25 10.13 22.05 2.77
C GLU X 25 10.34 23.46 2.23
N GLN X 26 11.23 23.59 1.25
CA GLN X 26 11.60 24.87 0.68
C GLN X 26 11.14 24.95 -0.76
N VAL X 27 10.83 26.17 -1.22
CA VAL X 27 10.46 26.42 -2.60
C VAL X 27 11.07 27.76 -3.00
N THR X 28 11.83 27.79 -4.08
CA THR X 28 12.43 29.01 -4.60
C THR X 28 12.02 29.17 -6.05
N ASN X 29 11.42 30.31 -6.38
CA ASN X 29 10.89 30.55 -7.71
C ASN X 29 11.35 31.92 -8.19
N VAL X 30 11.88 31.97 -9.41
CA VAL X 30 12.30 33.21 -10.04
C VAL X 30 11.70 33.23 -11.44
N GLY X 31 10.63 33.98 -11.63
CA GLY X 31 10.04 34.18 -12.93
C GLY X 31 9.23 33.04 -13.48
N GLY X 32 9.10 31.93 -12.77
CA GLY X 32 8.39 30.77 -13.27
C GLY X 32 6.99 30.67 -12.75
N ALA X 33 6.54 29.43 -12.52
CA ALA X 33 5.23 29.19 -11.90
C ALA X 33 5.28 27.81 -11.27
N VAL X 34 5.22 27.75 -9.94
CA VAL X 34 5.28 26.51 -9.19
C VAL X 34 3.90 26.19 -8.65
N VAL X 35 3.54 24.91 -8.66
CA VAL X 35 2.29 24.44 -8.07
C VAL X 35 2.62 23.20 -7.26
N THR X 36 2.19 23.17 -6.00
CA THR X 36 2.59 22.11 -5.08
C THR X 36 1.42 21.74 -4.18
N GLY X 37 1.39 20.46 -3.81
CA GLY X 37 0.54 20.02 -2.72
C GLY X 37 -0.94 20.00 -2.99
N VAL X 38 -1.37 19.82 -4.22
CA VAL X 38 -2.79 19.67 -4.51
C VAL X 38 -3.27 18.31 -4.02
N THR X 39 -4.45 18.27 -3.43
CA THR X 39 -4.96 17.03 -2.85
C THR X 39 -6.48 17.09 -2.74
N ALA X 40 -7.13 16.01 -3.14
CA ALA X 40 -8.57 15.83 -2.97
C ALA X 40 -9.35 16.99 -3.60
N VAL X 41 -9.24 17.12 -4.91
CA VAL X 41 -9.87 18.19 -5.65
C VAL X 41 -10.76 17.60 -6.73
N ALA X 42 -12.03 17.99 -6.73
CA ALA X 42 -13.00 17.49 -7.69
C ALA X 42 -13.65 18.67 -8.42
N GLN X 43 -14.02 18.43 -9.68
CA GLN X 43 -14.50 19.50 -10.53
C GLN X 43 -15.38 18.91 -11.61
N LYS X 44 -16.28 19.74 -12.13
CA LYS X 44 -17.05 19.41 -13.33
C LYS X 44 -17.25 20.68 -14.13
N THR X 45 -17.04 20.60 -15.44
CA THR X 45 -17.10 21.77 -16.30
C THR X 45 -17.88 21.42 -17.57
N VAL X 46 -18.72 22.35 -18.01
CA VAL X 46 -19.54 22.15 -19.20
C VAL X 46 -19.27 23.29 -20.16
N GLU X 47 -18.78 22.95 -21.35
CA GLU X 47 -18.48 23.94 -22.39
C GLU X 47 -17.41 24.93 -21.93
N GLY X 48 -16.35 24.39 -21.34
CA GLY X 48 -15.24 25.21 -20.92
C GLY X 48 -14.04 24.33 -20.67
N ALA X 49 -12.87 24.94 -20.71
CA ALA X 49 -11.62 24.20 -20.52
C ALA X 49 -11.39 23.99 -19.04
N GLY X 50 -11.62 22.77 -18.56
CA GLY X 50 -11.28 22.44 -17.20
C GLY X 50 -9.81 22.06 -17.09
N SER X 51 -9.20 22.46 -15.98
CA SER X 51 -7.76 22.27 -15.83
C SER X 51 -7.39 22.44 -14.37
N ILE X 52 -6.73 21.42 -13.81
CA ILE X 52 -6.38 21.38 -12.40
C ILE X 52 -4.87 21.25 -12.27
N ALA X 53 -4.27 22.13 -11.48
CA ALA X 53 -2.84 22.11 -11.19
C ALA X 53 -2.01 22.27 -12.46
N ALA X 54 -2.22 23.39 -13.14
CA ALA X 54 -1.48 23.72 -14.33
C ALA X 54 -0.49 24.84 -14.03
N ALA X 55 0.53 24.96 -14.88
CA ALA X 55 1.55 25.97 -14.67
C ALA X 55 2.08 26.43 -16.03
N THR X 56 2.40 27.72 -16.10
CA THR X 56 3.01 28.29 -17.29
C THR X 56 3.85 29.49 -16.89
N GLY X 57 4.91 29.74 -17.64
CA GLY X 57 5.67 30.97 -17.52
C GLY X 57 5.71 31.72 -18.84
N PHE X 58 6.21 32.94 -18.76
CA PHE X 58 6.61 33.77 -19.91
C PHE X 58 5.63 33.63 -21.07
N VAL X 59 4.38 33.99 -20.85
CA VAL X 59 3.40 34.03 -21.96
C VAL X 59 3.57 35.39 -22.62
N LYS X 60 4.50 35.45 -23.57
CA LYS X 60 4.85 36.69 -24.26
C LYS X 60 4.26 36.64 -25.66
N LYS X 61 3.13 37.32 -25.85
CA LYS X 61 2.42 37.31 -27.12
C LYS X 61 3.08 38.19 -28.17
N ASP X 62 4.16 38.88 -27.84
CA ASP X 62 4.95 39.63 -28.82
C ASP X 62 6.34 39.93 -28.29
C25 A1EFL Y . 30.87 -19.47 10.64
C10 A1EFL Y . 32.86 -8.44 12.55
C01 A1EFL Y . 33.94 -2.47 13.27
C02 A1EFL Y . 34.53 -2.64 14.51
C03 A1EFL Y . 34.65 -3.92 15.05
C04 A1EFL Y . 34.17 -5.03 14.34
C05 A1EFL Y . 33.59 -4.84 13.13
C06 A1EFL Y . 33.46 -3.55 12.58
C08 A1EFL Y . 33.30 -7.09 13.10
C11 A1EFL Y . 33.20 -9.53 13.18
C12 A1EFL Y . 32.76 -10.90 12.66
C14 A1EFL Y . 31.65 -12.16 11.08
C15 A1EFL Y . 31.99 -13.31 11.76
C16 A1EFL Y . 32.72 -13.25 12.93
C17 A1EFL Y . 33.13 -12.02 13.39
C18 A1EFL Y . 31.60 -14.56 11.31
C19 A1EFL Y . 30.68 -14.69 10.28
C21 A1EFL Y . 30.80 -16.98 10.44
C22 A1EFL Y . 31.72 -16.93 11.47
C23 A1EFL Y . 32.12 -15.68 11.92
C27 A1EFL Y . 35.94 -1.78 16.18
C28 A1EFL Y . 36.02 -0.54 17.08
C29 A1EFL Y . 36.06 0.70 16.19
F30 A1EFL Y . 37.15 0.63 15.37
N07 A1EFL Y . 33.14 -5.95 12.50
N13 A1EFL Y . 32.05 -10.99 11.56
N20 A1EFL Y . 30.32 -15.89 9.89
N24 A1EFL Y . 30.38 -18.28 9.97
O26 A1EFL Y . 35.01 -1.51 15.19
O31 A1EFL Y . 37.18 -0.60 17.85
S09 A1EFL Y . 34.09 -6.76 14.61
C25 A1EFL Z . 26.22 -12.87 15.96
C10 A1EFL Z . 28.33 -1.90 18.04
C01 A1EFL Z . 29.47 4.05 18.85
C02 A1EFL Z . 30.04 3.85 20.10
C03 A1EFL Z . 30.12 2.56 20.63
C04 A1EFL Z . 29.64 1.47 19.91
C05 A1EFL Z . 29.08 1.68 18.67
C06 A1EFL Z . 28.99 2.98 18.14
C08 A1EFL Z . 28.77 -0.56 18.62
C11 A1EFL Z . 28.63 -3.01 18.67
C12 A1EFL Z . 28.18 -4.36 18.12
C14 A1EFL Z . 27.10 -5.58 16.50
C15 A1EFL Z . 27.40 -6.75 17.17
C16 A1EFL Z . 28.12 -6.71 18.36
C17 A1EFL Z . 28.52 -5.49 18.84
C18 A1EFL Z . 27.00 -7.99 16.70
C19 A1EFL Z . 26.10 -8.09 15.66
C21 A1EFL Z . 26.19 -10.39 15.79
C22 A1EFL Z . 27.09 -10.36 16.84
C23 A1EFL Z . 27.50 -9.12 17.31
C27 A1EFL Z . 31.42 4.68 21.83
C28 A1EFL Z . 31.50 5.90 22.72
C29 A1EFL Z . 31.58 7.16 21.86
F30 A1EFL Z . 32.68 7.08 21.06
N07 A1EFL Z . 28.64 0.59 18.03
N13 A1EFL Z . 27.50 -4.43 17.00
N20 A1EFL Z . 25.74 -9.28 15.24
N24 A1EFL Z . 25.76 -11.67 15.30
O26 A1EFL Z . 30.51 4.96 20.80
O31 A1EFL Z . 32.64 5.83 23.51
S09 A1EFL Z . 29.54 -0.26 20.14
C25 A1EFL AA . 28.55 -16.17 13.29
C10 A1EFL AA . 30.60 -5.17 15.30
C01 A1EFL AA . 31.72 0.79 16.07
C02 A1EFL AA . 32.29 0.60 17.31
C03 A1EFL AA . 32.39 -0.68 17.84
C04 A1EFL AA . 31.91 -1.79 17.13
C05 A1EFL AA . 31.34 -1.59 15.91
C06 A1EFL AA . 31.23 -0.29 15.37
C08 A1EFL AA . 31.05 -3.83 15.86
C11 A1EFL AA . 30.92 -6.28 15.93
C12 A1EFL AA . 30.47 -7.63 15.39
C14 A1EFL AA . 29.38 -8.87 13.79
C15 A1EFL AA . 29.70 -10.04 14.47
C16 A1EFL AA . 30.43 -9.98 15.64
C17 A1EFL AA . 30.83 -8.76 16.12
C18 A1EFL AA . 29.30 -11.28 14.00
C19 A1EFL AA . 28.40 -11.39 12.98
C21 A1EFL AA . 28.50 -13.69 13.12
C22 A1EFL AA . 29.41 -13.65 14.15
C23 A1EFL AA . 29.82 -12.40 14.61
C27 A1EFL AA . 33.68 1.45 19.01
C28 A1EFL AA . 33.77 2.68 19.90
C29 A1EFL AA . 33.83 3.92 19.03
F30 A1EFL AA . 34.92 3.85 18.22
N07 A1EFL AA . 30.89 -2.68 15.26
N13 A1EFL AA . 29.78 -7.72 14.28
N20 A1EFL AA . 28.03 -12.59 12.57
N24 A1EFL AA . 28.07 -14.98 12.63
O26 A1EFL AA . 32.76 1.72 18.00
O31 A1EFL AA . 34.91 2.61 20.69
S09 A1EFL AA . 31.82 -3.52 17.38
C25 A1EFL BA . 23.88 -9.56 18.63
C10 A1EFL BA . 26.03 1.39 20.80
C01 A1EFL BA . 27.21 7.32 21.65
C02 A1EFL BA . 27.76 7.12 22.90
C03 A1EFL BA . 27.84 5.83 23.43
C04 A1EFL BA . 27.35 4.74 22.69
C05 A1EFL BA . 26.81 4.96 21.46
C06 A1EFL BA . 26.74 6.27 20.93
C08 A1EFL BA . 26.48 2.72 21.39
C11 A1EFL BA . 26.33 0.28 21.42
C12 A1EFL BA . 25.88 -1.07 20.86
C14 A1EFL BA . 24.80 -2.28 19.22
C15 A1EFL BA . 25.09 -3.45 19.89
C16 A1EFL BA . 25.79 -3.42 21.08
C17 A1EFL BA . 26.20 -2.20 21.59
C18 A1EFL BA . 24.68 -4.68 19.41
C19 A1EFL BA . 23.79 -4.77 18.37
C21 A1EFL BA . 23.87 -7.07 18.48
C22 A1EFL BA . 24.75 -7.05 19.54
C23 A1EFL BA . 25.16 -5.83 20.02
C27 A1EFL BA . 29.13 7.92 24.64
C28 A1EFL BA . 29.20 9.15 25.55
C29 A1EFL BA . 29.30 10.40 24.70
F30 A1EFL BA . 30.41 10.32 23.91
N07 A1EFL BA . 26.36 3.88 20.79
N13 A1EFL BA . 25.20 -1.13 19.73
N20 A1EFL BA . 23.42 -5.97 17.94
N24 A1EFL BA . 23.43 -8.35 17.97
O26 A1EFL BA . 28.23 8.22 23.61
O31 A1EFL BA . 30.34 9.05 26.35
S09 A1EFL BA . 27.23 3.01 22.92
C25 A1EFL CA . 21.55 -6.27 21.28
C10 A1EFL CA . 23.75 4.66 23.53
C01 A1EFL CA . 24.96 10.57 24.44
C02 A1EFL CA . 25.50 10.36 25.69
C03 A1EFL CA . 25.57 9.06 26.21
C04 A1EFL CA . 25.08 7.98 25.46
C05 A1EFL CA . 24.55 8.21 24.23
C06 A1EFL CA . 24.49 9.52 23.70
C08 A1EFL CA . 24.21 5.98 24.14
C11 A1EFL CA . 24.03 3.53 24.15
C12 A1EFL CA . 23.58 2.19 23.58
C14 A1EFL CA . 22.51 1.00 21.93
C15 A1EFL CA . 22.78 -0.18 22.59
C16 A1EFL CA . 23.47 -0.16 23.79
C17 A1EFL CA . 23.89 1.06 24.30
C18 A1EFL CA . 22.38 -1.41 22.10
C19 A1EFL CA . 21.50 -1.48 21.04
C21 A1EFL CA . 21.55 -3.78 21.15
C22 A1EFL CA . 22.43 -3.77 22.21
C23 A1EFL CA . 22.85 -2.55 22.70
C27 A1EFL CA . 26.86 11.14 27.45
C28 A1EFL CA . 26.94 12.36 28.36
C29 A1EFL CA . 27.05 13.62 27.52
F30 A1EFL CA . 28.16 13.54 26.75
N07 A1EFL CA . 24.11 7.14 23.55
N13 A1EFL CA . 22.92 2.15 22.45
N20 A1EFL CA . 21.13 -2.67 20.61
N24 A1EFL CA . 21.11 -5.05 20.62
O26 A1EFL CA . 25.98 11.45 26.42
O31 A1EFL CA . 28.07 12.25 29.18
S09 A1EFL CA . 24.95 6.26 25.68
C25 A1EFL DA . 19.21 -2.97 23.93
C10 A1EFL DA . 21.46 7.94 26.27
C01 A1EFL DA . 22.71 13.84 27.21
C02 A1EFL DA . 23.23 13.61 28.47
C03 A1EFL DA . 23.28 12.30 28.99
C04 A1EFL DA . 22.79 11.24 28.22
C05 A1EFL DA . 22.28 11.48 26.99
C06 A1EFL DA . 22.23 12.79 26.47
C08 A1EFL DA . 21.93 9.25 26.88
C11 A1EFL DA . 21.73 6.81 26.88
C12 A1EFL DA . 21.28 5.47 26.30
C14 A1EFL DA . 20.21 4.29 24.63
C15 A1EFL DA . 20.47 3.11 25.29
C16 A1EFL DA . 21.15 3.12 26.49
C17 A1EFL DA . 21.57 4.33 27.02
C18 A1EFL DA . 20.06 1.89 24.78
C19 A1EFL DA . 19.20 1.83 23.71
C21 A1EFL DA . 19.23 -0.48 23.81
C22 A1EFL DA . 20.09 -0.48 24.89
C23 A1EFL DA . 20.52 0.73 25.38
C27 A1EFL DA . 24.58 14.38 30.24
C28 A1EFL DA . 24.65 15.59 31.17
C29 A1EFL DA . 24.78 16.85 30.33
F30 A1EFL DA . 25.90 16.77 29.56
N07 A1EFL DA . 21.83 10.41 26.30
N13 A1EFL DA . 20.63 5.43 25.16
N20 A1EFL DA . 18.82 0.65 23.26
N24 A1EFL DA . 18.79 -1.75 23.28
O26 A1EFL DA . 23.71 14.70 29.20
O31 A1EFL DA . 25.77 15.46 31.99
S09 A1EFL DA . 22.65 9.51 28.44
C25 A1EFL EA . -12.62 -11.71 -32.43
C10 A1EFL EA . -21.81 -10.44 -25.86
C01 A1EFL EA . -26.65 -10.00 -22.15
C02 A1EFL EA . -27.44 -9.45 -23.14
C03 A1EFL EA . -26.93 -9.23 -24.41
C04 A1EFL EA . -25.61 -9.57 -24.70
C05 A1EFL EA . -24.82 -10.11 -23.73
C06 A1EFL EA . -25.35 -10.33 -22.44
C08 A1EFL EA . -23.20 -10.17 -25.30
C11 A1EFL EA . -21.59 -10.28 -27.14
C12 A1EFL EA . -20.21 -10.53 -27.73
C14 A1EFL EA . -18.01 -11.16 -27.44
C15 A1EFL EA . -17.77 -10.97 -28.79
C16 A1EFL EA . -18.79 -10.54 -29.62
C17 A1EFL EA . -20.04 -10.32 -29.08
C18 A1EFL EA . -16.52 -11.19 -29.34
C19 A1EFL EA . -15.43 -11.40 -28.55
C21 A1EFL EA . -14.08 -11.57 -30.41
C22 A1EFL EA . -15.15 -11.37 -31.27
C23 A1EFL EA . -16.40 -11.16 -30.72
C27 A1EFL EA . -29.63 -8.98 -23.90
C28 A1EFL EA . -30.86 -8.23 -23.42
C29 A1EFL EA . -31.30 -8.81 -22.08
F30 A1EFL EA . -31.58 -10.13 -22.24
N07 A1EFL EA . -23.56 -10.42 -24.06
N13 A1EFL EA . -19.22 -10.94 -26.97
N20 A1EFL EA . -14.24 -11.59 -29.11
N24 A1EFL EA . -12.77 -11.79 -30.99
O26 A1EFL EA . -28.76 -9.12 -22.82
O31 A1EFL EA . -31.89 -8.38 -24.35
S09 A1EFL EA . -24.56 -9.49 -26.10
C25 A1EFL FA . -16.30 -4.04 -27.85
C10 A1EFL FA . -25.60 -2.72 -21.45
C01 A1EFL FA . -30.50 -2.24 -17.83
C02 A1EFL FA . -31.27 -1.68 -18.82
C03 A1EFL FA . -30.73 -1.45 -20.09
C04 A1EFL FA . -29.40 -1.81 -20.36
C05 A1EFL FA . -28.65 -2.37 -19.38
C06 A1EFL FA . -29.19 -2.59 -18.09
C08 A1EFL FA . -26.99 -2.44 -20.90
C11 A1EFL FA . -25.35 -2.54 -22.72
C12 A1EFL FA . -23.96 -2.80 -23.29
C14 A1EFL FA . -21.78 -3.47 -22.97
C15 A1EFL FA . -21.51 -3.27 -24.31
C16 A1EFL FA . -22.51 -2.81 -25.15
C17 A1EFL FA . -23.76 -2.58 -24.63
C18 A1EFL FA . -20.25 -3.49 -24.84
C19 A1EFL FA . -19.17 -3.73 -24.02
C21 A1EFL FA . -17.80 -3.90 -25.87
C22 A1EFL FA . -18.84 -3.67 -26.74
C23 A1EFL FA . -20.11 -3.45 -26.21
C27 A1EFL FA . -33.43 -1.16 -19.63
C28 A1EFL FA . -34.67 -0.40 -19.16
C29 A1EFL FA . -35.14 -0.99 -17.83
F30 A1EFL FA . -35.43 -2.30 -18.02
N07 A1EFL FA . -27.39 -2.69 -19.69
N13 A1EFL FA . -22.98 -3.24 -22.51
N20 A1EFL FA . -17.99 -3.92 -24.57
N24 A1EFL FA . -16.48 -4.13 -26.41
O26 A1EFL FA . -32.59 -1.34 -18.52
O31 A1EFL FA . -35.67 -0.53 -20.12
S09 A1EFL FA . -28.33 -1.72 -21.74
C25 A1EFL GA . -14.45 -7.87 -30.14
C10 A1EFL GA . -23.70 -6.58 -23.66
C01 A1EFL GA . -28.58 -6.12 -20.00
C02 A1EFL GA . -29.36 -5.57 -20.99
C03 A1EFL GA . -28.83 -5.34 -22.26
C04 A1EFL GA . -27.51 -5.69 -22.54
C05 A1EFL GA . -26.74 -6.25 -21.56
C06 A1EFL GA . -27.27 -6.46 -20.27
C08 A1EFL GA . -25.10 -6.31 -23.11
C11 A1EFL GA . -23.48 -6.41 -24.94
C12 A1EFL GA . -22.08 -6.67 -25.51
C14 A1EFL GA . -19.89 -7.32 -25.21
C15 A1EFL GA . -19.64 -7.13 -26.56
C16 A1EFL GA . -20.64 -6.68 -27.40
C17 A1EFL GA . -21.90 -6.45 -26.87
C18 A1EFL GA . -18.39 -7.34 -27.10
C19 A1EFL GA . -17.30 -7.57 -26.29
C21 A1EFL GA . -15.95 -7.74 -28.14
C22 A1EFL GA . -17.00 -7.52 -29.01
C23 A1EFL GA . -18.25 -7.31 -28.47
C27 A1EFL GA . -31.53 -5.07 -21.78
C28 A1EFL GA . -32.76 -4.32 -21.29
C29 A1EFL GA . -33.22 -4.90 -19.97
F30 A1EFL GA . -33.50 -6.22 -20.13
N07 A1EFL GA . -25.48 -6.55 -21.89
N13 A1EFL GA . -21.10 -7.10 -24.74
N20 A1EFL GA . -16.11 -7.76 -26.85
N24 A1EFL GA . -14.63 -7.96 -28.70
O26 A1EFL GA . -30.69 -5.23 -20.69
O31 A1EFL GA . -33.78 -4.46 -22.24
S09 A1EFL GA . -26.45 -5.61 -23.93
C25 A1EFL HA . -18.13 -0.18 -25.53
C10 A1EFL HA . -27.49 1.18 -19.22
C01 A1EFL HA . -32.43 1.65 -15.65
C02 A1EFL HA . -33.19 2.23 -16.64
C03 A1EFL HA . -32.63 2.47 -17.91
C04 A1EFL HA . -31.31 2.10 -18.16
C05 A1EFL HA . -30.56 1.53 -17.17
C06 A1EFL HA . -31.12 1.30 -15.89
C08 A1EFL HA . -28.89 1.46 -18.69
C11 A1EFL HA . -27.24 1.35 -20.49
C12 A1EFL HA . -25.84 1.08 -21.05
C14 A1EFL HA . -23.66 0.40 -20.70
C15 A1EFL HA . -23.38 0.61 -22.04
C16 A1EFL HA . -24.36 1.08 -22.90
C17 A1EFL HA . -25.62 1.31 -22.39
C18 A1EFL HA . -22.12 0.38 -22.57
C19 A1EFL HA . -21.04 0.13 -21.74
C21 A1EFL HA . -19.66 -0.04 -23.57
C22 A1EFL HA . -20.70 0.20 -24.45
C23 A1EFL HA . -21.96 0.42 -23.94
C27 A1EFL HA . -35.33 2.77 -17.47
C28 A1EFL HA . -36.56 3.53 -17.01
C29 A1EFL HA . -37.05 2.94 -15.69
F30 A1EFL HA . -37.35 1.62 -15.88
N07 A1EFL HA . -29.30 1.20 -17.49
N13 A1EFL HA . -24.88 0.64 -20.26
N20 A1EFL HA . -19.86 -0.08 -22.27
N24 A1EFL HA . -18.34 -0.28 -24.11
O26 A1EFL HA . -34.51 2.59 -16.36
O31 A1EFL HA . -37.56 3.42 -17.96
S09 A1EFL HA . -30.22 2.18 -19.53
C25 A1EFL IA . -19.96 3.66 -23.24
C10 A1EFL IA . -29.37 5.04 -17.00
C01 A1EFL IA . -34.34 5.53 -13.48
C02 A1EFL IA . -35.08 6.13 -14.49
C03 A1EFL IA . -34.52 6.35 -15.74
C04 A1EFL IA . -33.19 5.99 -15.99
C05 A1EFL IA . -32.46 5.40 -15.00
C06 A1EFL IA . -33.04 5.17 -13.72
C08 A1EFL IA . -30.78 5.33 -16.49
C11 A1EFL IA . -29.10 5.22 -18.28
C12 A1EFL IA . -27.70 4.94 -18.82
C14 A1EFL IA . -25.53 4.25 -18.47
C15 A1EFL IA . -25.24 4.46 -19.80
C16 A1EFL IA . -26.22 4.93 -20.66
C17 A1EFL IA . -27.48 5.18 -20.16
C18 A1EFL IA . -23.97 4.22 -20.31
C19 A1EFL IA . -22.91 3.96 -19.48
C21 A1EFL IA . -21.51 3.79 -21.29
C22 A1EFL IA . -22.53 4.05 -22.18
C23 A1EFL IA . -23.80 4.27 -21.67
C27 A1EFL IA . -37.21 6.68 -15.33
C28 A1EFL IA . -38.45 7.44 -14.87
C29 A1EFL IA . -38.96 6.85 -13.57
F30 A1EFL IA . -39.26 5.54 -13.77
N07 A1EFL IA . -31.19 5.06 -15.29
N13 A1EFL IA . -26.76 4.49 -18.03
N20 A1EFL IA . -21.73 3.75 -20.00
N24 A1EFL IA . -20.18 3.55 -21.82
O26 A1EFL IA . -36.41 6.48 -14.22
O31 A1EFL IA . -39.45 7.34 -15.85
S09 A1EFL IA . -32.09 6.06 -17.34
C25 A1EFL JA . -21.79 7.49 -20.93
C10 A1EFL JA . -31.25 8.90 -14.79
C01 A1EFL JA . -36.25 9.41 -11.31
C02 A1EFL JA . -36.98 10.01 -12.31
C03 A1EFL JA . -36.40 10.25 -13.56
C04 A1EFL JA . -35.07 9.88 -13.79
C05 A1EFL JA . -34.36 9.28 -12.80
C06 A1EFL JA . -34.95 9.04 -11.53
C08 A1EFL JA . -32.65 9.21 -14.28
C11 A1EFL JA . -30.96 9.09 -16.05
C12 A1EFL JA . -29.56 8.81 -16.58
C14 A1EFL JA . -27.40 8.09 -16.20
C15 A1EFL JA . -27.09 8.32 -17.53
C16 A1EFL JA . -28.05 8.80 -18.40
C17 A1EFL JA . -29.32 9.05 -17.92
C18 A1EFL JA . -25.82 8.07 -18.04
C19 A1EFL JA . -24.78 7.80 -17.19
C21 A1EFL JA . -23.36 7.63 -19.00
C22 A1EFL JA . -24.37 7.90 -19.89
C23 A1EFL JA . -25.63 8.13 -19.40
C27 A1EFL JA . -39.10 10.59 -13.17
C28 A1EFL JA . -40.33 11.36 -12.72
C29 A1EFL JA . -40.86 10.76 -11.43
F30 A1EFL JA . -41.16 9.45 -11.63
N07 A1EFL JA . -33.09 8.94 -13.08
N13 A1EFL JA . -28.63 8.34 -15.77
N20 A1EFL JA . -23.58 7.59 -17.71
N24 A1EFL JA . -22.02 7.38 -19.51
O26 A1EFL JA . -38.30 10.38 -12.04
O31 A1EFL JA . -41.31 11.27 -13.70
S09 A1EFL JA . -33.96 9.96 -15.14
#